data_7Y1N
#
_entry.id   7Y1N
#
_cell.length_a   1.00
_cell.length_b   1.00
_cell.length_c   1.00
_cell.angle_alpha   90.00
_cell.angle_beta   90.00
_cell.angle_gamma   90.00
#
_symmetry.space_group_name_H-M   'P 1'
#
loop_
_entity.id
_entity.type
_entity.pdbx_description
1 polymer 'Isoform SUR2B of ATP-binding cassette sub-family C member 9'
2 non-polymer "ADENOSINE-5'-DIPHOSPHATE"
3 non-polymer 'MAGNESIUM ION'
4 non-polymer "ADENOSINE-5'-TRIPHOSPHATE"
5 non-polymer Repaglinide
#
_entity_poly.entity_id   1
_entity_poly.type   'polypeptide(L)'
_entity_poly.pdbx_seq_one_letter_code
;MSLSFCGNNISSYNIYHGVLQNPCFVDALNLVPHVFLLFITFPILFIGWGSQSSKVQIHHNTWLHFPGHNLRWILTFALL
FVHVCEIAEGIVSDSQRASRHLHLFMPAVMGFVATTTSIVYYHNIETSNFPKLLLALFLYWVMAFITKTIKLVKYWQLGW
GMSDLRFCITGVMVILNGLLMAVEINVIRVRRYVFFMNPQKVKPPEDLQDLGVRFLQPFVNLLSKATYWWMNTLIISAHR
KPIDLKAIGKLPIAMRAVTNYVCLKEAYEEQKKKAADHPNRTPSIWLAMYRAFGRPILLSSTFRYLADLLGFAGPLCISG
IVQRVNEPKNNTTRFSETLSSKEFLENAHVLAVLLFLALILQRTFLQASYYVTIETGINLRGALLAMIYNKILRLSTSNL
SMGEMTLGQINNLVAIETNQLMWFLFLCPNLWAMPVQIIMGVILLYNLLGSSALVGAAVIVLLAPIQYFIATKLAEAQKS
TLDYSTERLKKTNEILKGIKLLKLYAWEHIFCKSVEETRMKELSSLKTFALYTSLSIFMNAAIPIAAVLATFVTHAYASG
NNLKPAEAFASLSLFHILVTPLFLLSTVVRFAVKAIISVQKLNEFLLSDEIGEDSWRTGEGTLPFESCKKHTGVQSKPIN
RKQPGRYHLDNYEQARRLRPAETEDVAIKVTNGYFSWGSGLATLSNIDIRIPTGQLTMIVGQVGCGKSSLLLAILGEMQT
LEGKVYWNNVNESEPSFEATRSRSRYSVAYAAQKPWLLNATVEENITFGSSFNRQRYKAVTDACSLQPDIDLLPFGDQTE
IGERGINLSGGQRQRICVARALYQNTNIVFLDDPFSALDIHLSDHLMQEGILKFLQDDKRTVVLVTHKLQYLTHADWIIA
MKDGSVLREGTLKDIQTKDVELYEHWKTLMNRQDQELEKDMEADQTTLERKTLRRAMYSREAKAQMEDEDEEEEEEEDED
DNMSTVMRLRTKMPWKTCWWYLTSGGFFLLFLMIFSKLLKHSVIVAIDYWLATWTSEYSINDPGKADQTFYVAGFSILCG
AGIFLCLVTSLTVEWMGLTAAKNLHHNLLNKIILGPIRFFDTTPLGLILNRFSADTNIIDQHIPPTLESLTRSTLLCLSA
IGMISYATPVFLIALAPLGVAFYFIQKYFRVASKDLQELDDSTQLPLLCHFSETAEGLTTIRAFRHETRFKQRMLELTDT
NNIAYLFLSAANRWLEVRTDYLGACIVLTASIASISGSSNSGLVGLGLLYALTITNYLNWVVRNLADLEVQMGAVKKVNS
FLTMESENYEGTMDPSQVPEHWPQEGEIKIHDLCVRYENNLKPVLKHVKAYIKPGQKVGICGRTGSGKSSLSLAFFRMVD
IFDGKIVIDGIDISKLPLHTLRSRLSIILQDPILFSGSIRFNLDPECKCTDDRLWEALEIAQLKNMVKSLPGGLDATVTE
GGENFSVGQRQLFCLARAFVRKSSILIMDEATASIDMATENILQKVVMTAFADRTVVTIAHRVHTILTADLVIVMKRGNI
LEYDTPESLLAQEDGVFASFVRADM
;
_entity_poly.pdbx_strand_id   A
#
loop_
_chem_comp.id
_chem_comp.type
_chem_comp.name
_chem_comp.formula
ADP non-polymer ADENOSINE-5'-DIPHOSPHATE 'C10 H15 N5 O10 P2'
ATP non-polymer ADENOSINE-5'-TRIPHOSPHATE 'C10 H16 N5 O13 P3'
BJX non-polymer Repaglinide 'C27 H36 N2 O4'
MG non-polymer 'MAGNESIUM ION' 'Mg 2'
#
# COMPACT_ATOMS: atom_id res chain seq x y z
N GLN A 217 -27.43 -30.57 -28.70
CA GLN A 217 -26.50 -29.47 -28.96
C GLN A 217 -26.32 -28.58 -27.72
N PRO A 218 -27.42 -28.08 -27.15
CA PRO A 218 -27.26 -27.25 -25.93
C PRO A 218 -26.58 -28.01 -24.81
N PHE A 219 -26.71 -29.33 -24.77
CA PHE A 219 -25.94 -30.11 -23.82
C PHE A 219 -24.45 -29.87 -24.00
N VAL A 220 -24.02 -29.60 -25.23
CA VAL A 220 -22.61 -29.26 -25.46
C VAL A 220 -22.26 -27.95 -24.77
N ASN A 221 -23.17 -26.96 -24.83
CA ASN A 221 -22.94 -25.72 -24.11
C ASN A 221 -22.87 -25.97 -22.60
N LEU A 222 -23.73 -26.86 -22.09
CA LEU A 222 -23.67 -27.17 -20.68
C LEU A 222 -22.34 -27.80 -20.31
N LEU A 223 -21.84 -28.72 -21.14
CA LEU A 223 -20.53 -29.33 -20.87
C LEU A 223 -19.43 -28.28 -20.94
N SER A 224 -19.51 -27.36 -21.90
CA SER A 224 -18.51 -26.30 -21.99
C SER A 224 -18.51 -25.44 -20.74
N LYS A 225 -19.69 -25.13 -20.23
CA LYS A 225 -19.77 -24.32 -19.01
C LYS A 225 -19.34 -25.09 -17.77
N ALA A 226 -19.49 -26.42 -17.78
CA ALA A 226 -19.08 -27.22 -16.64
C ALA A 226 -17.58 -27.49 -16.63
N THR A 227 -16.96 -27.54 -17.80
CA THR A 227 -15.54 -27.80 -17.93
C THR A 227 -14.72 -26.53 -18.13
N TYR A 228 -15.37 -25.36 -18.07
CA TYR A 228 -14.68 -24.09 -18.28
C TYR A 228 -13.92 -24.08 -19.58
N TRP A 229 -14.48 -24.75 -20.59
CA TRP A 229 -13.91 -24.67 -21.93
C TRP A 229 -14.02 -23.27 -22.50
N TRP A 230 -14.88 -22.43 -21.94
CA TRP A 230 -15.08 -21.10 -22.47
C TRP A 230 -13.83 -20.26 -22.31
N MET A 231 -12.86 -20.75 -21.52
CA MET A 231 -11.61 -20.04 -21.33
C MET A 231 -10.41 -20.83 -21.82
N ASN A 232 -10.61 -22.00 -22.41
CA ASN A 232 -9.47 -22.76 -22.91
C ASN A 232 -8.73 -21.98 -23.98
N THR A 233 -9.45 -21.34 -24.89
CA THR A 233 -8.80 -20.58 -25.96
C THR A 233 -7.89 -19.51 -25.38
N LEU A 234 -8.33 -18.83 -24.32
CA LEU A 234 -7.52 -17.82 -23.68
C LEU A 234 -6.44 -18.40 -22.77
N ILE A 235 -6.51 -19.68 -22.44
CA ILE A 235 -5.47 -20.31 -21.64
C ILE A 235 -4.47 -21.03 -22.55
N ILE A 236 -4.95 -21.90 -23.43
CA ILE A 236 -4.05 -22.64 -24.30
C ILE A 236 -3.23 -21.68 -25.14
N SER A 237 -3.89 -20.69 -25.74
CA SER A 237 -3.21 -19.60 -26.40
C SER A 237 -3.04 -18.48 -25.39
N ALA A 238 -2.65 -17.31 -25.85
CA ALA A 238 -2.40 -16.15 -24.99
C ALA A 238 -1.31 -16.42 -23.97
N HIS A 239 -0.59 -17.53 -24.09
CA HIS A 239 0.69 -17.69 -23.41
C HIS A 239 1.82 -17.11 -24.23
N ARG A 240 1.74 -17.25 -25.55
CA ARG A 240 2.69 -16.56 -26.43
C ARG A 240 2.52 -15.05 -26.34
N LYS A 241 1.28 -14.57 -26.44
CA LYS A 241 0.97 -13.16 -26.27
C LYS A 241 0.41 -12.93 -24.89
N PRO A 242 0.96 -12.02 -24.09
CA PRO A 242 0.45 -11.86 -22.72
C PRO A 242 -1.02 -11.48 -22.71
N ILE A 243 -1.72 -11.98 -21.70
CA ILE A 243 -3.14 -11.68 -21.53
C ILE A 243 -3.29 -10.21 -21.14
N ASP A 244 -4.13 -9.49 -21.86
CA ASP A 244 -4.39 -8.08 -21.62
C ASP A 244 -5.90 -7.84 -21.63
N LEU A 245 -6.31 -6.75 -21.00
CA LEU A 245 -7.74 -6.48 -20.86
C LEU A 245 -8.43 -6.43 -22.22
N LYS A 246 -7.69 -6.09 -23.28
CA LYS A 246 -8.27 -6.19 -24.62
C LYS A 246 -8.61 -7.64 -24.95
N ALA A 247 -7.71 -8.56 -24.60
CA ALA A 247 -7.97 -9.98 -24.88
C ALA A 247 -9.15 -10.50 -24.05
N ILE A 248 -9.21 -10.11 -22.78
CA ILE A 248 -10.31 -10.54 -21.92
C ILE A 248 -11.54 -9.72 -22.25
N GLY A 249 -12.64 -10.40 -22.54
CA GLY A 249 -13.87 -9.70 -22.87
C GLY A 249 -14.35 -8.85 -21.72
N LYS A 250 -15.04 -7.77 -22.06
CA LYS A 250 -15.60 -6.90 -21.04
C LYS A 250 -16.69 -7.65 -20.27
N LEU A 251 -16.89 -7.25 -19.02
CA LEU A 251 -17.73 -8.03 -18.13
C LEU A 251 -19.16 -8.07 -18.66
N PRO A 252 -19.85 -9.20 -18.57
CA PRO A 252 -21.24 -9.25 -19.03
C PRO A 252 -22.10 -8.25 -18.30
N ILE A 253 -23.05 -7.64 -19.02
CA ILE A 253 -23.88 -6.59 -18.44
C ILE A 253 -24.48 -7.03 -17.13
N ALA A 254 -24.67 -8.34 -16.95
CA ALA A 254 -25.25 -8.83 -15.71
C ALA A 254 -24.34 -8.60 -14.51
N MET A 255 -23.04 -8.80 -14.69
CA MET A 255 -22.09 -8.76 -13.58
C MET A 255 -21.38 -7.43 -13.42
N ARG A 256 -21.71 -6.43 -14.23
CA ARG A 256 -21.04 -5.14 -14.09
C ARG A 256 -21.34 -4.54 -12.72
N ALA A 257 -20.38 -3.77 -12.21
CA ALA A 257 -20.56 -3.17 -10.89
C ALA A 257 -21.80 -2.30 -10.84
N VAL A 258 -22.22 -1.75 -11.98
CA VAL A 258 -23.42 -0.92 -12.01
C VAL A 258 -24.64 -1.75 -11.62
N THR A 259 -24.81 -2.91 -12.26
CA THR A 259 -26.00 -3.72 -12.00
C THR A 259 -26.01 -4.25 -10.58
N ASN A 260 -24.87 -4.76 -10.11
CA ASN A 260 -24.81 -5.26 -8.73
C ASN A 260 -25.07 -4.15 -7.74
N TYR A 261 -24.50 -2.96 -7.99
CA TYR A 261 -24.73 -1.85 -7.07
C TYR A 261 -26.20 -1.47 -7.03
N VAL A 262 -26.85 -1.38 -8.20
CA VAL A 262 -28.26 -0.98 -8.19
C VAL A 262 -29.09 -2.03 -7.48
N CYS A 263 -28.80 -3.32 -7.70
CA CYS A 263 -29.55 -4.36 -7.01
C CYS A 263 -29.37 -4.26 -5.50
N LEU A 264 -28.13 -4.15 -5.03
CA LEU A 264 -27.89 -4.09 -3.60
C LEU A 264 -28.49 -2.83 -3.00
N LYS A 265 -28.39 -1.70 -3.71
CA LYS A 265 -28.99 -0.47 -3.19
C LYS A 265 -30.50 -0.59 -3.14
N GLU A 266 -31.12 -1.23 -4.13
CA GLU A 266 -32.56 -1.40 -4.10
C GLU A 266 -32.97 -2.25 -2.90
N ALA A 267 -32.23 -3.33 -2.65
CA ALA A 267 -32.54 -4.15 -1.48
C ALA A 267 -32.36 -3.35 -0.19
N TYR A 268 -31.26 -2.60 -0.09
CA TYR A 268 -31.02 -1.81 1.10
C TYR A 268 -32.10 -0.76 1.31
N GLU A 269 -32.59 -0.16 0.23
CA GLU A 269 -33.63 0.84 0.34
C GLU A 269 -34.97 0.22 0.72
N GLU A 270 -35.26 -0.98 0.19
CA GLU A 270 -36.44 -1.69 0.66
C GLU A 270 -36.36 -1.92 2.16
N GLN A 271 -35.19 -2.36 2.64
CA GLN A 271 -35.03 -2.56 4.07
C GLN A 271 -35.23 -1.25 4.83
N LYS A 272 -34.62 -0.17 4.35
CA LYS A 272 -34.71 1.11 5.05
C LYS A 272 -36.16 1.56 5.14
N LYS A 273 -36.92 1.42 4.05
CA LYS A 273 -38.34 1.72 4.11
C LYS A 273 -39.04 0.82 5.12
N LYS A 274 -38.65 -0.45 5.17
CA LYS A 274 -39.22 -1.35 6.16
C LYS A 274 -38.88 -0.91 7.57
N ALA A 275 -37.75 -0.25 7.76
CA ALA A 275 -37.35 0.23 9.08
C ALA A 275 -38.02 1.57 9.38
N PRO A 283 -32.21 -0.46 8.86
CA PRO A 283 -32.03 -1.55 7.90
C PRO A 283 -30.72 -2.30 8.10
N SER A 284 -30.75 -3.61 7.89
CA SER A 284 -29.60 -4.47 8.10
C SER A 284 -29.02 -4.89 6.75
N ILE A 285 -27.71 -4.76 6.61
CA ILE A 285 -27.07 -5.08 5.34
C ILE A 285 -27.22 -6.56 5.03
N TRP A 286 -27.34 -7.41 6.05
CA TRP A 286 -27.36 -8.84 5.80
C TRP A 286 -28.60 -9.26 5.02
N LEU A 287 -29.77 -8.75 5.38
CA LEU A 287 -30.98 -9.14 4.67
C LEU A 287 -30.97 -8.61 3.24
N ALA A 288 -30.42 -7.41 3.04
CA ALA A 288 -30.27 -6.91 1.67
C ALA A 288 -29.33 -7.78 0.87
N MET A 289 -28.21 -8.19 1.47
CA MET A 289 -27.30 -9.08 0.77
C MET A 289 -27.98 -10.38 0.40
N TYR A 290 -28.79 -10.93 1.31
CA TYR A 290 -29.51 -12.15 0.99
C TYR A 290 -30.47 -11.93 -0.17
N ARG A 291 -31.33 -10.92 -0.07
CA ARG A 291 -32.27 -10.69 -1.14
C ARG A 291 -31.58 -10.38 -2.46
N ALA A 292 -30.33 -9.95 -2.42
CA ALA A 292 -29.60 -9.65 -3.65
C ALA A 292 -28.90 -10.86 -4.25
N PHE A 293 -28.32 -11.72 -3.42
CA PHE A 293 -27.47 -12.81 -3.90
C PHE A 293 -27.83 -14.13 -3.22
N GLY A 294 -29.11 -14.39 -3.02
CA GLY A 294 -29.51 -15.67 -2.47
C GLY A 294 -29.48 -16.77 -3.49
N ARG A 295 -30.22 -16.61 -4.59
CA ARG A 295 -30.38 -17.71 -5.55
C ARG A 295 -29.05 -18.33 -5.97
N PRO A 296 -28.03 -17.57 -6.36
CA PRO A 296 -26.73 -18.22 -6.65
C PRO A 296 -26.17 -18.97 -5.46
N ILE A 297 -26.34 -18.47 -4.23
CA ILE A 297 -25.78 -19.18 -3.09
C ILE A 297 -26.53 -20.47 -2.83
N LEU A 298 -27.86 -20.47 -2.98
CA LEU A 298 -28.60 -21.71 -2.85
C LEU A 298 -28.18 -22.70 -3.92
N LEU A 299 -27.98 -22.22 -5.15
CA LEU A 299 -27.51 -23.10 -6.21
C LEU A 299 -26.14 -23.68 -5.86
N SER A 300 -25.24 -22.85 -5.34
CA SER A 300 -23.91 -23.33 -5.01
C SER A 300 -23.96 -24.33 -3.86
N SER A 301 -24.80 -24.11 -2.87
CA SER A 301 -24.93 -25.06 -1.78
C SER A 301 -25.52 -26.38 -2.27
N THR A 302 -26.46 -26.32 -3.20
CA THR A 302 -26.97 -27.55 -3.79
C THR A 302 -25.86 -28.31 -4.52
N PHE A 303 -25.07 -27.60 -5.31
CA PHE A 303 -23.94 -28.24 -5.97
C PHE A 303 -22.98 -28.82 -4.94
N ARG A 304 -22.74 -28.10 -3.85
CA ARG A 304 -21.81 -28.58 -2.84
C ARG A 304 -22.32 -29.85 -2.18
N TYR A 305 -23.60 -29.91 -1.86
CA TYR A 305 -24.15 -31.13 -1.27
C TYR A 305 -24.09 -32.29 -2.24
N LEU A 306 -24.42 -32.06 -3.51
CA LEU A 306 -24.30 -33.15 -4.48
C LEU A 306 -22.87 -33.63 -4.57
N ALA A 307 -21.92 -32.71 -4.62
CA ALA A 307 -20.51 -33.10 -4.70
C ALA A 307 -20.10 -33.90 -3.48
N ASP A 308 -20.52 -33.47 -2.30
CA ASP A 308 -20.16 -34.19 -1.09
C ASP A 308 -20.73 -35.62 -1.11
N LEU A 309 -22.01 -35.75 -1.43
CA LEU A 309 -22.61 -37.07 -1.44
C LEU A 309 -21.92 -37.98 -2.45
N LEU A 310 -21.65 -37.47 -3.65
CA LEU A 310 -20.98 -38.30 -4.65
C LEU A 310 -19.59 -38.67 -4.18
N GLY A 311 -18.87 -37.73 -3.56
CA GLY A 311 -17.54 -38.04 -3.07
C GLY A 311 -17.54 -39.15 -2.04
N PHE A 312 -18.57 -39.21 -1.22
CA PHE A 312 -18.63 -40.32 -0.27
C PHE A 312 -18.75 -41.67 -0.96
N ALA A 313 -18.81 -41.73 -2.29
CA ALA A 313 -18.82 -42.99 -3.01
C ALA A 313 -17.43 -43.53 -3.27
N GLY A 314 -16.39 -42.84 -2.80
CA GLY A 314 -15.03 -43.34 -2.93
C GLY A 314 -14.78 -44.50 -1.99
N PRO A 315 -14.87 -44.24 -0.69
CA PRO A 315 -14.61 -45.33 0.27
C PRO A 315 -15.49 -46.54 0.08
N LEU A 316 -16.77 -46.34 -0.24
CA LEU A 316 -17.64 -47.49 -0.45
C LEU A 316 -17.18 -48.31 -1.65
N CYS A 317 -16.81 -47.63 -2.74
CA CYS A 317 -16.32 -48.34 -3.91
C CYS A 317 -15.03 -49.09 -3.60
N ILE A 318 -14.14 -48.47 -2.83
CA ILE A 318 -12.89 -49.15 -2.48
C ILE A 318 -13.19 -50.39 -1.66
N SER A 319 -14.10 -50.28 -0.69
CA SER A 319 -14.45 -51.44 0.13
C SER A 319 -15.02 -52.55 -0.73
N GLY A 320 -15.93 -52.20 -1.65
CA GLY A 320 -16.52 -53.21 -2.52
C GLY A 320 -15.47 -53.89 -3.38
N ILE A 321 -14.60 -53.10 -4.00
CA ILE A 321 -13.57 -53.66 -4.88
C ILE A 321 -12.66 -54.59 -4.09
N VAL A 322 -12.21 -54.13 -2.91
CA VAL A 322 -11.28 -54.93 -2.13
C VAL A 322 -11.94 -56.23 -1.70
N GLN A 323 -13.18 -56.16 -1.23
CA GLN A 323 -13.86 -57.38 -0.80
C GLN A 323 -14.04 -58.35 -1.95
N ARG A 324 -14.42 -57.85 -3.12
CA ARG A 324 -14.64 -58.75 -4.25
C ARG A 324 -13.33 -59.40 -4.69
N VAL A 325 -12.23 -58.65 -4.68
CA VAL A 325 -10.95 -59.22 -5.05
C VAL A 325 -10.62 -60.38 -4.09
N ASN A 326 -9.76 -61.28 -4.57
CA ASN A 326 -9.34 -62.46 -3.83
C ASN A 326 -10.55 -63.19 -3.25
N GLU A 327 -11.48 -63.54 -4.14
CA GLU A 327 -12.68 -64.28 -3.76
C GLU A 327 -13.45 -63.53 -2.68
N SER A 341 -30.25 -59.06 -9.84
CA SER A 341 -30.16 -59.77 -8.58
C SER A 341 -29.08 -59.18 -7.68
N LYS A 342 -28.60 -57.98 -8.04
CA LYS A 342 -27.55 -57.32 -7.29
C LYS A 342 -26.20 -58.01 -7.47
N GLU A 343 -26.18 -59.13 -8.19
CA GLU A 343 -24.91 -59.77 -8.52
C GLU A 343 -24.07 -58.88 -9.43
N PHE A 344 -24.72 -58.26 -10.42
CA PHE A 344 -24.02 -57.36 -11.32
C PHE A 344 -23.43 -56.18 -10.56
N LEU A 345 -24.19 -55.62 -9.62
CA LEU A 345 -23.70 -54.48 -8.86
C LEU A 345 -22.46 -54.82 -8.04
N GLU A 346 -22.23 -56.10 -7.77
CA GLU A 346 -21.06 -56.51 -7.00
C GLU A 346 -19.82 -56.75 -7.86
N ASN A 347 -19.98 -56.83 -9.18
CA ASN A 347 -18.83 -57.09 -10.03
C ASN A 347 -17.77 -56.02 -9.85
N ALA A 348 -16.51 -56.44 -9.79
CA ALA A 348 -15.42 -55.51 -9.48
C ALA A 348 -15.30 -54.42 -10.55
N HIS A 349 -15.32 -54.82 -11.82
CA HIS A 349 -15.18 -53.83 -12.89
C HIS A 349 -16.34 -52.85 -12.87
N VAL A 350 -17.55 -53.32 -12.56
CA VAL A 350 -18.69 -52.43 -12.46
C VAL A 350 -18.43 -51.39 -11.37
N LEU A 351 -17.90 -51.82 -10.23
CA LEU A 351 -17.59 -50.87 -9.17
C LEU A 351 -16.51 -49.90 -9.61
N ALA A 352 -15.52 -50.38 -10.37
CA ALA A 352 -14.46 -49.47 -10.84
C ALA A 352 -15.03 -48.40 -11.75
N VAL A 353 -15.89 -48.80 -12.69
CA VAL A 353 -16.51 -47.83 -13.60
C VAL A 353 -17.39 -46.86 -12.82
N LEU A 354 -18.16 -47.36 -11.87
CA LEU A 354 -18.99 -46.48 -11.05
C LEU A 354 -18.12 -45.50 -10.28
N LEU A 355 -16.99 -45.96 -9.75
CA LEU A 355 -16.09 -45.06 -9.03
C LEU A 355 -15.55 -43.98 -9.94
N PHE A 356 -15.16 -44.34 -11.16
CA PHE A 356 -14.64 -43.34 -12.09
C PHE A 356 -15.71 -42.31 -12.43
N LEU A 357 -16.91 -42.78 -12.76
CA LEU A 357 -17.98 -41.84 -13.10
C LEU A 357 -18.31 -40.95 -11.91
N ALA A 358 -18.38 -41.53 -10.72
CA ALA A 358 -18.69 -40.74 -9.53
C ALA A 358 -17.61 -39.70 -9.29
N LEU A 359 -16.35 -40.04 -9.51
CA LEU A 359 -15.30 -39.06 -9.30
C LEU A 359 -15.40 -37.91 -10.29
N ILE A 360 -15.63 -38.20 -11.57
CA ILE A 360 -15.73 -37.09 -12.52
C ILE A 360 -16.94 -36.22 -12.18
N LEU A 361 -18.07 -36.84 -11.82
CA LEU A 361 -19.24 -36.05 -11.47
C LEU A 361 -19.01 -35.24 -10.21
N GLN A 362 -18.38 -35.83 -9.20
CA GLN A 362 -18.11 -35.10 -7.97
C GLN A 362 -17.23 -33.89 -8.25
N ARG A 363 -16.15 -34.08 -9.00
CA ARG A 363 -15.26 -32.96 -9.27
C ARG A 363 -15.96 -31.89 -10.08
N THR A 364 -16.75 -32.28 -11.08
CA THR A 364 -17.46 -31.30 -11.87
C THR A 364 -18.43 -30.49 -11.01
N PHE A 365 -19.20 -31.17 -10.17
CA PHE A 365 -20.14 -30.45 -9.31
C PHE A 365 -19.43 -29.56 -8.31
N LEU A 366 -18.36 -30.07 -7.69
CA LEU A 366 -17.63 -29.29 -6.71
C LEU A 366 -17.06 -28.03 -7.33
N GLN A 367 -16.46 -28.16 -8.51
CA GLN A 367 -15.91 -26.98 -9.16
C GLN A 367 -16.99 -26.03 -9.64
N ALA A 368 -18.15 -26.56 -10.07
CA ALA A 368 -19.25 -25.68 -10.41
C ALA A 368 -19.70 -24.88 -9.20
N SER A 369 -19.78 -25.53 -8.04
CA SER A 369 -20.13 -24.80 -6.83
C SER A 369 -19.09 -23.73 -6.51
N TYR A 370 -17.81 -24.10 -6.59
CA TYR A 370 -16.77 -23.12 -6.32
C TYR A 370 -16.92 -21.91 -7.23
N TYR A 371 -17.15 -22.15 -8.52
CA TYR A 371 -17.20 -21.04 -9.46
C TYR A 371 -18.44 -20.19 -9.26
N VAL A 372 -19.59 -20.81 -9.00
CA VAL A 372 -20.80 -20.01 -8.78
C VAL A 372 -20.64 -19.14 -7.54
N THR A 373 -20.11 -19.72 -6.46
CA THR A 373 -19.91 -18.92 -5.26
C THR A 373 -18.90 -17.81 -5.49
N ILE A 374 -17.82 -18.09 -6.23
CA ILE A 374 -16.82 -17.07 -6.49
C ILE A 374 -17.43 -15.93 -7.31
N GLU A 375 -18.20 -16.28 -8.33
CA GLU A 375 -18.84 -15.26 -9.15
C GLU A 375 -19.77 -14.39 -8.32
N THR A 376 -20.57 -14.99 -7.47
CA THR A 376 -21.46 -14.21 -6.61
C THR A 376 -20.66 -13.33 -5.65
N GLY A 377 -19.58 -13.87 -5.09
CA GLY A 377 -18.77 -13.07 -4.18
C GLY A 377 -18.17 -11.87 -4.86
N ILE A 378 -17.69 -12.04 -6.08
CA ILE A 378 -17.09 -10.91 -6.79
C ILE A 378 -18.16 -9.88 -7.15
N ASN A 379 -19.36 -10.34 -7.52
CA ASN A 379 -20.44 -9.39 -7.75
C ASN A 379 -20.73 -8.58 -6.50
N LEU A 380 -20.78 -9.24 -5.34
CA LEU A 380 -21.02 -8.53 -4.10
C LEU A 380 -19.90 -7.55 -3.81
N ARG A 381 -18.65 -7.95 -4.05
CA ARG A 381 -17.53 -7.04 -3.84
C ARG A 381 -17.68 -5.79 -4.69
N GLY A 382 -18.06 -5.96 -5.95
CA GLY A 382 -18.29 -4.80 -6.80
C GLY A 382 -19.37 -3.90 -6.24
N ALA A 383 -20.49 -4.49 -5.84
CA ALA A 383 -21.59 -3.68 -5.32
C ALA A 383 -21.16 -2.91 -4.07
N LEU A 384 -20.46 -3.57 -3.15
CA LEU A 384 -20.06 -2.90 -1.92
C LEU A 384 -19.06 -1.80 -2.20
N LEU A 385 -18.10 -2.03 -3.08
CA LEU A 385 -17.16 -0.97 -3.42
C LEU A 385 -17.91 0.23 -3.98
N ALA A 386 -18.85 0.01 -4.89
CA ALA A 386 -19.59 1.13 -5.43
C ALA A 386 -20.38 1.85 -4.36
N MET A 387 -21.00 1.10 -3.44
CA MET A 387 -21.80 1.72 -2.39
C MET A 387 -20.94 2.60 -1.49
N ILE A 388 -19.81 2.07 -1.02
CA ILE A 388 -19.00 2.87 -0.12
C ILE A 388 -18.35 4.03 -0.87
N TYR A 389 -18.10 3.88 -2.17
CA TYR A 389 -17.58 5.02 -2.92
C TYR A 389 -18.63 6.12 -3.04
N ASN A 390 -19.88 5.75 -3.29
CA ASN A 390 -20.93 6.75 -3.32
C ASN A 390 -21.04 7.47 -1.98
N LYS A 391 -20.94 6.71 -0.88
CA LYS A 391 -20.94 7.35 0.42
C LYS A 391 -19.76 8.29 0.58
N ILE A 392 -18.58 7.88 0.13
CA ILE A 392 -17.40 8.73 0.22
C ILE A 392 -17.65 10.04 -0.48
N LEU A 393 -18.18 9.97 -1.70
CA LEU A 393 -18.48 11.20 -2.43
C LEU A 393 -19.50 12.05 -1.68
N ARG A 394 -20.41 11.43 -0.95
CA ARG A 394 -21.42 12.16 -0.21
C ARG A 394 -21.04 12.44 1.23
N LEU A 395 -19.74 12.46 1.54
CA LEU A 395 -19.30 12.64 2.92
C LEU A 395 -19.50 14.09 3.36
N SER A 396 -19.12 14.38 4.60
CA SER A 396 -19.41 15.65 5.24
C SER A 396 -18.23 16.60 5.31
N THR A 397 -17.02 16.09 5.52
CA THR A 397 -15.77 16.84 5.58
C THR A 397 -15.63 17.60 6.90
N SER A 398 -16.60 17.59 7.78
CA SER A 398 -16.42 18.29 9.04
C SER A 398 -15.41 17.60 9.91
N ASN A 399 -14.65 18.29 10.74
CA ASN A 399 -13.71 17.56 11.58
C ASN A 399 -14.44 16.90 12.69
N LEU A 400 -15.64 17.41 13.13
CA LEU A 400 -16.27 16.52 14.10
C LEU A 400 -16.52 15.14 13.49
N SER A 401 -16.97 15.10 12.24
CA SER A 401 -17.34 13.84 11.61
C SER A 401 -16.13 13.15 10.96
N MET A 402 -15.47 13.84 10.02
CA MET A 402 -14.38 13.22 9.28
C MET A 402 -13.05 13.34 10.01
N GLY A 403 -12.73 14.50 10.56
CA GLY A 403 -11.49 14.66 11.30
C GLY A 403 -10.31 14.28 10.43
N GLU A 404 -9.42 13.47 10.99
CA GLU A 404 -8.21 13.04 10.30
C GLU A 404 -8.05 11.53 10.25
N MET A 405 -8.52 10.80 11.27
CA MET A 405 -8.40 9.34 11.27
C MET A 405 -9.42 8.68 10.36
N THR A 406 -10.46 9.39 9.94
CA THR A 406 -11.51 8.76 9.16
C THR A 406 -11.01 8.32 7.80
N LEU A 407 -10.03 9.01 7.22
CA LEU A 407 -9.51 8.59 5.92
C LEU A 407 -8.86 7.22 6.02
N GLY A 408 -8.15 6.96 7.12
CA GLY A 408 -7.61 5.63 7.33
C GLY A 408 -8.68 4.56 7.40
N GLN A 409 -9.77 4.86 8.10
CA GLN A 409 -10.87 3.90 8.18
C GLN A 409 -11.51 3.67 6.81
N ILE A 410 -11.65 4.73 6.01
CA ILE A 410 -12.24 4.58 4.68
C ILE A 410 -11.35 3.70 3.81
N ASN A 411 -10.05 3.95 3.82
CA ASN A 411 -9.14 3.10 3.05
C ASN A 411 -9.17 1.68 3.56
N ASN A 412 -9.27 1.49 4.87
CA ASN A 412 -9.39 0.14 5.42
C ASN A 412 -10.65 -0.53 4.91
N LEU A 413 -11.77 0.18 4.90
CA LEU A 413 -13.01 -0.41 4.41
C LEU A 413 -12.87 -0.82 2.95
N VAL A 414 -12.28 0.05 2.14
CA VAL A 414 -12.16 -0.26 0.72
C VAL A 414 -11.24 -1.44 0.49
N ALA A 415 -10.18 -1.56 1.30
CA ALA A 415 -9.15 -2.56 1.03
C ALA A 415 -9.42 -3.89 1.73
N ILE A 416 -9.50 -3.88 3.05
CA ILE A 416 -9.55 -5.11 3.84
C ILE A 416 -10.97 -5.52 4.17
N GLU A 417 -11.82 -4.58 4.56
CA GLU A 417 -13.17 -4.95 5.00
C GLU A 417 -13.95 -5.61 3.87
N THR A 418 -13.97 -4.98 2.70
CA THR A 418 -14.70 -5.54 1.58
C THR A 418 -14.10 -6.87 1.14
N ASN A 419 -12.78 -6.99 1.14
CA ASN A 419 -12.16 -8.25 0.75
C ASN A 419 -12.54 -9.37 1.72
N GLN A 420 -12.54 -9.08 3.03
CA GLN A 420 -12.90 -10.10 4.00
C GLN A 420 -14.37 -10.49 3.86
N LEU A 421 -15.25 -9.52 3.61
CA LEU A 421 -16.64 -9.88 3.39
C LEU A 421 -16.81 -10.71 2.12
N MET A 422 -16.08 -10.35 1.06
CA MET A 422 -16.10 -11.14 -0.16
C MET A 422 -15.63 -12.55 0.10
N TRP A 423 -14.59 -12.71 0.92
CA TRP A 423 -14.07 -14.05 1.19
C TRP A 423 -15.03 -14.86 2.03
N PHE A 424 -15.70 -14.22 2.99
CA PHE A 424 -16.74 -14.93 3.71
C PHE A 424 -17.82 -15.39 2.76
N LEU A 425 -18.18 -14.57 1.77
CA LEU A 425 -19.16 -15.02 0.80
C LEU A 425 -18.62 -16.12 -0.08
N PHE A 426 -17.31 -16.11 -0.35
CA PHE A 426 -16.69 -17.21 -1.09
C PHE A 426 -16.84 -18.51 -0.33
N LEU A 427 -16.58 -18.49 0.97
CA LEU A 427 -16.49 -19.71 1.75
C LEU A 427 -17.79 -20.11 2.42
N CYS A 428 -18.82 -19.28 2.37
CA CYS A 428 -20.02 -19.55 3.15
C CYS A 428 -20.60 -20.93 2.93
N PRO A 429 -20.71 -21.46 1.71
CA PRO A 429 -21.32 -22.78 1.54
C PRO A 429 -20.63 -23.86 2.37
N ASN A 430 -19.42 -23.61 2.84
CA ASN A 430 -18.79 -24.55 3.74
C ASN A 430 -19.59 -24.70 5.03
N LEU A 431 -20.10 -23.59 5.57
CA LEU A 431 -20.92 -23.72 6.77
C LEU A 431 -22.10 -24.66 6.53
N TRP A 432 -22.62 -24.70 5.32
CA TRP A 432 -23.69 -25.64 4.99
C TRP A 432 -23.16 -27.06 4.85
N ALA A 433 -22.02 -27.22 4.19
CA ALA A 433 -21.59 -28.53 3.72
C ALA A 433 -20.71 -29.28 4.70
N MET A 434 -19.71 -28.61 5.28
CA MET A 434 -18.72 -29.31 6.09
C MET A 434 -19.34 -30.01 7.29
N PRO A 435 -20.19 -29.39 8.10
CA PRO A 435 -20.81 -30.16 9.19
C PRO A 435 -21.55 -31.39 8.70
N VAL A 436 -22.27 -31.28 7.58
CA VAL A 436 -22.98 -32.44 7.05
C VAL A 436 -22.00 -33.48 6.55
N GLN A 437 -20.89 -33.04 5.95
CA GLN A 437 -19.89 -34.00 5.52
C GLN A 437 -19.31 -34.76 6.71
N ILE A 438 -19.02 -34.05 7.80
CA ILE A 438 -18.49 -34.72 8.99
C ILE A 438 -19.52 -35.72 9.52
N ILE A 439 -20.78 -35.31 9.59
CA ILE A 439 -21.82 -36.21 10.10
C ILE A 439 -21.87 -37.47 9.26
N MET A 440 -21.97 -37.32 7.95
CA MET A 440 -22.05 -38.49 7.08
C MET A 440 -20.81 -39.35 7.20
N GLY A 441 -19.64 -38.73 7.26
CA GLY A 441 -18.41 -39.51 7.34
C GLY A 441 -18.35 -40.34 8.61
N VAL A 442 -18.71 -39.73 9.75
CA VAL A 442 -18.68 -40.46 11.01
C VAL A 442 -19.73 -41.56 11.00
N ILE A 443 -20.88 -41.31 10.39
CA ILE A 443 -21.90 -42.35 10.33
C ILE A 443 -21.39 -43.55 9.53
N LEU A 444 -20.79 -43.30 8.36
CA LEU A 444 -20.24 -44.40 7.58
C LEU A 444 -19.13 -45.11 8.35
N LEU A 445 -18.27 -44.35 9.03
CA LEU A 445 -17.18 -44.95 9.77
C LEU A 445 -17.72 -45.87 10.86
N TYR A 446 -18.77 -45.45 11.55
CA TYR A 446 -19.39 -46.30 12.55
C TYR A 446 -19.95 -47.56 11.91
N ASN A 447 -20.69 -47.41 10.81
CA ASN A 447 -21.24 -48.59 10.14
C ASN A 447 -20.14 -49.55 9.72
N LEU A 448 -18.94 -49.04 9.45
CA LEU A 448 -17.86 -49.92 9.02
C LEU A 448 -17.16 -50.58 10.21
N LEU A 449 -16.92 -49.85 11.29
CA LEU A 449 -16.03 -50.32 12.35
C LEU A 449 -16.61 -50.06 13.73
N GLY A 450 -17.88 -50.37 13.93
CA GLY A 450 -18.41 -50.47 15.29
C GLY A 450 -17.96 -49.35 16.21
N SER A 451 -17.53 -49.72 17.41
CA SER A 451 -17.16 -48.73 18.42
C SER A 451 -15.81 -48.11 18.14
N SER A 452 -14.91 -48.85 17.49
CA SER A 452 -13.61 -48.27 17.14
C SER A 452 -13.80 -47.02 16.30
N ALA A 453 -14.80 -47.02 15.43
CA ALA A 453 -15.08 -45.85 14.62
C ALA A 453 -15.50 -44.68 15.49
N LEU A 454 -16.30 -44.93 16.52
CA LEU A 454 -16.67 -43.84 17.42
C LEU A 454 -15.45 -43.27 18.13
N VAL A 455 -14.55 -44.14 18.58
CA VAL A 455 -13.35 -43.66 19.25
C VAL A 455 -12.53 -42.79 18.30
N GLY A 456 -12.29 -43.29 17.09
CA GLY A 456 -11.53 -42.52 16.13
C GLY A 456 -12.19 -41.22 15.76
N ALA A 457 -13.52 -41.24 15.62
CA ALA A 457 -14.24 -40.02 15.27
C ALA A 457 -14.13 -38.99 16.38
N ALA A 458 -14.21 -39.42 17.64
CA ALA A 458 -14.03 -38.48 18.74
C ALA A 458 -12.64 -37.86 18.69
N VAL A 459 -11.62 -38.70 18.53
CA VAL A 459 -10.25 -38.19 18.52
C VAL A 459 -10.06 -37.21 17.37
N ILE A 460 -10.60 -37.53 16.19
CA ILE A 460 -10.46 -36.64 15.04
C ILE A 460 -11.22 -35.35 15.29
N VAL A 461 -12.47 -35.44 15.73
CA VAL A 461 -13.30 -34.25 15.93
C VAL A 461 -12.66 -33.32 16.93
N LEU A 462 -11.85 -33.86 17.85
CA LEU A 462 -11.06 -32.97 18.69
C LEU A 462 -10.13 -32.06 17.89
N LEU A 463 -10.03 -32.26 16.58
CA LEU A 463 -9.20 -31.40 15.73
C LEU A 463 -9.89 -30.09 15.38
N ALA A 464 -11.19 -29.96 15.57
CA ALA A 464 -11.85 -28.71 15.25
C ALA A 464 -11.60 -27.68 16.36
N PRO A 465 -11.92 -27.98 17.63
CA PRO A 465 -11.69 -26.98 18.67
C PRO A 465 -10.24 -26.57 18.78
N ILE A 466 -9.32 -27.52 18.63
CA ILE A 466 -7.89 -27.19 18.69
C ILE A 466 -7.53 -26.25 17.56
N GLN A 467 -8.05 -26.51 16.36
CA GLN A 467 -7.80 -25.63 15.24
C GLN A 467 -8.36 -24.25 15.48
N TYR A 468 -9.53 -24.16 16.11
CA TYR A 468 -10.08 -22.84 16.41
C TYR A 468 -9.22 -22.09 17.41
N PHE A 469 -8.75 -22.79 18.45
CA PHE A 469 -7.88 -22.15 19.43
C PHE A 469 -6.60 -21.63 18.77
N ILE A 470 -5.97 -22.48 17.95
CA ILE A 470 -4.74 -22.06 17.28
C ILE A 470 -5.02 -20.94 16.30
N ALA A 471 -6.18 -20.95 15.64
CA ALA A 471 -6.51 -19.88 14.72
C ALA A 471 -6.71 -18.56 15.46
N THR A 472 -7.32 -18.61 16.64
CA THR A 472 -7.42 -17.40 17.45
C THR A 472 -6.05 -16.86 17.82
N LYS A 473 -5.15 -17.76 18.25
CA LYS A 473 -3.80 -17.30 18.59
C LYS A 473 -3.10 -16.72 17.36
N LEU A 474 -3.28 -17.35 16.21
CA LEU A 474 -2.68 -16.84 14.97
C LEU A 474 -3.24 -15.48 14.63
N ALA A 475 -4.54 -15.28 14.81
CA ALA A 475 -5.13 -13.97 14.54
C ALA A 475 -4.55 -12.91 15.46
N GLU A 476 -4.39 -13.23 16.74
CA GLU A 476 -3.79 -12.28 17.66
C GLU A 476 -2.36 -11.93 17.22
N ALA A 477 -1.56 -12.95 16.92
CA ALA A 477 -0.18 -12.70 16.54
C ALA A 477 -0.11 -11.90 15.25
N GLN A 478 -1.00 -12.18 14.30
CA GLN A 478 -0.97 -11.47 13.03
C GLN A 478 -1.48 -10.04 13.18
N LYS A 479 -2.40 -9.78 14.10
CA LYS A 479 -2.78 -8.40 14.38
C LYS A 479 -1.61 -7.63 14.96
N SER A 480 -0.87 -8.24 15.90
CA SER A 480 0.31 -7.58 16.43
C SER A 480 1.32 -7.31 15.33
N THR A 481 1.55 -8.30 14.47
CA THR A 481 2.49 -8.12 13.37
C THR A 481 2.02 -7.04 12.41
N LEU A 482 0.71 -6.97 12.17
CA LEU A 482 0.19 -5.93 11.28
C LEU A 482 0.41 -4.54 11.88
N ASP A 483 0.19 -4.39 13.18
CA ASP A 483 0.42 -3.09 13.81
C ASP A 483 1.89 -2.70 13.70
N TYR A 484 2.79 -3.63 14.01
CA TYR A 484 4.21 -3.31 13.91
C TYR A 484 4.61 -3.02 12.47
N SER A 485 4.03 -3.75 11.52
CA SER A 485 4.33 -3.51 10.11
C SER A 485 3.89 -2.12 9.68
N THR A 486 2.69 -1.70 10.11
CA THR A 486 2.23 -0.36 9.77
C THR A 486 3.13 0.69 10.39
N GLU A 487 3.56 0.49 11.64
CA GLU A 487 4.48 1.43 12.26
C GLU A 487 5.78 1.53 11.46
N ARG A 488 6.34 0.37 11.10
CA ARG A 488 7.59 0.37 10.36
C ARG A 488 7.41 1.02 9.00
N LEU A 489 6.26 0.77 8.36
CA LEU A 489 6.03 1.34 7.04
C LEU A 489 5.89 2.86 7.11
N LYS A 490 5.21 3.38 8.14
CA LYS A 490 5.14 4.83 8.30
C LYS A 490 6.53 5.42 8.54
N LYS A 491 7.33 4.77 9.40
CA LYS A 491 8.69 5.27 9.61
C LYS A 491 9.48 5.28 8.33
N THR A 492 9.39 4.20 7.55
CA THR A 492 10.15 4.12 6.31
C THR A 492 9.69 5.16 5.30
N ASN A 493 8.37 5.35 5.19
CA ASN A 493 7.85 6.35 4.27
C ASN A 493 8.33 7.74 4.66
N GLU A 494 8.33 8.04 5.96
CA GLU A 494 8.85 9.32 6.40
C GLU A 494 10.32 9.46 6.06
N ILE A 495 11.09 8.39 6.25
CA ILE A 495 12.53 8.46 5.98
C ILE A 495 12.79 8.74 4.51
N LEU A 496 12.18 7.95 3.63
CA LEU A 496 12.49 8.05 2.21
C LEU A 496 11.62 9.06 1.48
N LYS A 497 10.75 9.78 2.18
CA LYS A 497 10.07 10.91 1.58
C LYS A 497 10.74 12.24 1.91
N GLY A 498 11.52 12.27 2.99
CA GLY A 498 12.31 13.44 3.31
C GLY A 498 13.78 13.13 3.36
N ILE A 499 14.23 12.26 2.45
CA ILE A 499 15.60 11.74 2.52
C ILE A 499 16.61 12.86 2.43
N LYS A 500 16.25 13.94 1.75
CA LYS A 500 17.22 15.03 1.54
C LYS A 500 17.67 15.66 2.89
N LEU A 501 16.71 15.85 3.79
CA LEU A 501 17.03 16.41 5.10
C LEU A 501 17.88 15.44 5.92
N LEU A 502 17.53 14.15 5.90
CA LEU A 502 18.31 13.20 6.67
C LEU A 502 19.76 13.17 6.17
N LYS A 503 19.95 13.07 4.86
CA LYS A 503 21.31 13.00 4.34
C LYS A 503 22.08 14.26 4.65
N LEU A 504 21.45 15.43 4.53
CA LEU A 504 22.14 16.68 4.84
C LEU A 504 22.52 16.74 6.31
N TYR A 505 21.64 16.30 7.19
CA TYR A 505 21.91 16.27 8.62
C TYR A 505 22.70 15.05 9.04
N ALA A 506 22.94 14.11 8.13
CA ALA A 506 23.61 12.87 8.48
C ALA A 506 22.86 12.09 9.55
N TRP A 507 21.53 12.19 9.52
CA TRP A 507 20.68 11.45 10.44
C TRP A 507 20.19 10.14 9.87
N GLU A 508 20.52 9.82 8.61
CA GLU A 508 19.97 8.64 7.98
C GLU A 508 20.25 7.39 8.82
N HIS A 509 21.45 7.30 9.39
CA HIS A 509 21.80 6.10 10.15
C HIS A 509 20.92 5.95 11.39
N ILE A 510 20.64 7.05 12.09
CA ILE A 510 19.84 6.97 13.31
C ILE A 510 18.43 6.51 12.98
N PHE A 511 17.83 7.11 11.95
CA PHE A 511 16.48 6.73 11.58
C PHE A 511 16.44 5.28 11.10
N CYS A 512 17.46 4.85 10.36
CA CYS A 512 17.50 3.47 9.94
C CYS A 512 17.63 2.53 11.13
N LYS A 513 18.37 2.94 12.15
CA LYS A 513 18.48 2.11 13.35
C LYS A 513 17.13 2.01 14.04
N SER A 514 16.38 3.11 14.11
CA SER A 514 15.05 3.04 14.71
C SER A 514 14.14 2.11 13.90
N VAL A 515 14.19 2.22 12.57
CA VAL A 515 13.39 1.33 11.74
C VAL A 515 13.80 -0.11 11.95
N GLU A 516 15.09 -0.37 12.13
CA GLU A 516 15.54 -1.74 12.36
C GLU A 516 15.04 -2.24 13.71
N GLU A 517 14.99 -1.38 14.72
CA GLU A 517 14.42 -1.80 15.99
C GLU A 517 12.96 -2.18 15.82
N THR A 518 12.19 -1.36 15.09
CA THR A 518 10.81 -1.74 14.81
C THR A 518 10.74 -3.02 14.02
N ARG A 519 11.71 -3.25 13.13
CA ARG A 519 11.75 -4.50 12.38
C ARG A 519 11.99 -5.68 13.30
N MET A 520 12.84 -5.52 14.30
CA MET A 520 13.08 -6.59 15.26
C MET A 520 11.82 -6.90 16.06
N LYS A 521 11.09 -5.87 16.46
CA LYS A 521 9.81 -6.13 17.13
C LYS A 521 8.85 -6.87 16.21
N GLU A 522 8.75 -6.42 14.96
CA GLU A 522 7.89 -7.10 14.01
C GLU A 522 8.31 -8.55 13.84
N LEU A 523 9.61 -8.81 13.85
CA LEU A 523 10.08 -10.18 13.65
C LEU A 523 9.85 -11.04 14.87
N SER A 524 9.86 -10.46 16.07
CA SER A 524 9.43 -11.23 17.23
C SER A 524 7.98 -11.64 17.08
N SER A 525 7.12 -10.71 16.69
CA SER A 525 5.71 -11.06 16.49
C SER A 525 5.56 -12.09 15.37
N LEU A 526 6.30 -11.92 14.29
CA LEU A 526 6.22 -12.85 13.17
C LEU A 526 6.76 -14.21 13.54
N LYS A 527 7.77 -14.28 14.40
CA LYS A 527 8.26 -15.56 14.88
C LYS A 527 7.22 -16.26 15.73
N THR A 528 6.51 -15.52 16.58
CA THR A 528 5.41 -16.14 17.31
C THR A 528 4.36 -16.67 16.35
N PHE A 529 4.01 -15.88 15.34
CA PHE A 529 3.00 -16.32 14.37
C PHE A 529 3.47 -17.56 13.63
N ALA A 530 4.75 -17.60 13.25
CA ALA A 530 5.27 -18.75 12.53
C ALA A 530 5.29 -19.98 13.42
N LEU A 531 5.61 -19.80 14.71
CA LEU A 531 5.56 -20.93 15.63
C LEU A 531 4.16 -21.51 15.71
N TYR A 532 3.16 -20.64 15.82
CA TYR A 532 1.79 -21.15 15.88
C TYR A 532 1.36 -21.77 14.56
N THR A 533 1.85 -21.25 13.42
CA THR A 533 1.54 -21.90 12.15
C THR A 533 2.16 -23.29 12.09
N SER A 534 3.39 -23.42 12.57
CA SER A 534 4.03 -24.73 12.60
C SER A 534 3.25 -25.69 13.48
N LEU A 535 2.78 -25.22 14.63
CA LEU A 535 1.98 -26.08 15.50
C LEU A 535 0.65 -26.44 14.84
N SER A 536 0.06 -25.51 14.08
CA SER A 536 -1.18 -25.83 13.38
C SER A 536 -0.95 -26.93 12.35
N ILE A 537 0.13 -26.83 11.58
CA ILE A 537 0.44 -27.86 10.60
C ILE A 537 0.71 -29.18 11.30
N PHE A 538 1.43 -29.14 12.41
CA PHE A 538 1.71 -30.36 13.17
C PHE A 538 0.42 -31.04 13.60
N MET A 539 -0.50 -30.28 14.18
CA MET A 539 -1.76 -30.88 14.59
C MET A 539 -2.51 -31.43 13.39
N ASN A 540 -2.56 -30.66 12.30
CA ASN A 540 -3.29 -31.08 11.12
C ASN A 540 -2.77 -32.40 10.59
N ALA A 541 -1.46 -32.59 10.58
CA ALA A 541 -0.85 -33.79 10.02
C ALA A 541 -0.59 -34.88 11.05
N ALA A 542 -0.87 -34.64 12.32
CA ALA A 542 -0.62 -35.61 13.37
C ALA A 542 -1.89 -36.17 14.00
N ILE A 543 -2.84 -35.30 14.37
CA ILE A 543 -4.05 -35.76 15.04
C ILE A 543 -4.71 -36.84 14.20
N PRO A 544 -4.79 -36.71 12.88
CA PRO A 544 -5.32 -37.81 12.08
C PRO A 544 -4.57 -39.11 12.29
N ILE A 545 -3.24 -39.06 12.42
CA ILE A 545 -2.47 -40.27 12.65
C ILE A 545 -2.82 -40.86 14.00
N ALA A 546 -2.93 -40.02 15.03
CA ALA A 546 -3.31 -40.53 16.34
C ALA A 546 -4.70 -41.14 16.31
N ALA A 547 -5.61 -40.54 15.53
CA ALA A 547 -6.96 -41.08 15.43
C ALA A 547 -6.95 -42.44 14.75
N VAL A 548 -6.17 -42.58 13.69
CA VAL A 548 -6.06 -43.88 13.03
C VAL A 548 -5.49 -44.91 14.01
N LEU A 549 -4.44 -44.51 14.74
CA LEU A 549 -3.85 -45.40 15.72
C LEU A 549 -4.90 -45.86 16.72
N ALA A 550 -5.64 -44.92 17.29
CA ALA A 550 -6.64 -45.28 18.29
C ALA A 550 -7.70 -46.19 17.70
N THR A 551 -8.20 -45.85 16.52
CA THR A 551 -9.25 -46.66 15.89
C THR A 551 -8.78 -48.10 15.70
N PHE A 552 -7.62 -48.28 15.09
CA PHE A 552 -7.20 -49.62 14.73
C PHE A 552 -6.74 -50.41 15.94
N VAL A 553 -6.07 -49.77 16.91
CA VAL A 553 -5.69 -50.50 18.11
C VAL A 553 -6.93 -50.92 18.89
N THR A 554 -7.91 -50.02 19.03
CA THR A 554 -9.14 -50.37 19.72
C THR A 554 -9.84 -51.51 18.99
N HIS A 555 -9.87 -51.47 17.66
CA HIS A 555 -10.51 -52.55 16.92
C HIS A 555 -9.77 -53.85 17.12
N ALA A 556 -8.44 -53.82 17.13
CA ALA A 556 -7.66 -55.04 17.27
C ALA A 556 -7.86 -55.68 18.64
N TYR A 557 -7.88 -54.86 19.69
CA TYR A 557 -7.98 -55.41 21.05
C TYR A 557 -9.39 -55.42 21.60
N ALA A 558 -10.38 -55.01 20.83
CA ALA A 558 -11.78 -55.09 21.23
C ALA A 558 -12.61 -55.94 20.28
N SER A 559 -12.56 -55.68 18.98
CA SER A 559 -13.36 -56.41 18.02
C SER A 559 -12.87 -57.86 17.94
N GLY A 560 -13.82 -58.80 17.98
CA GLY A 560 -13.45 -60.21 17.94
C GLY A 560 -12.74 -60.58 16.65
N ASN A 561 -13.29 -60.14 15.52
CA ASN A 561 -12.67 -60.46 14.24
C ASN A 561 -11.39 -59.64 14.05
N ASN A 562 -10.68 -59.95 12.98
CA ASN A 562 -9.45 -59.24 12.64
C ASN A 562 -9.78 -58.02 11.79
N LEU A 563 -8.74 -57.41 11.23
CA LEU A 563 -8.90 -56.24 10.36
C LEU A 563 -8.97 -56.70 8.92
N LYS A 564 -10.18 -56.80 8.39
CA LYS A 564 -10.32 -57.11 6.98
C LYS A 564 -9.75 -55.95 6.16
N PRO A 565 -9.06 -56.23 5.05
CA PRO A 565 -8.44 -55.14 4.29
C PRO A 565 -9.44 -54.10 3.81
N ALA A 566 -10.62 -54.55 3.38
CA ALA A 566 -11.61 -53.60 2.88
C ALA A 566 -11.98 -52.59 3.96
N GLU A 567 -12.25 -53.07 5.17
CA GLU A 567 -12.63 -52.17 6.25
C GLU A 567 -11.51 -51.19 6.57
N ALA A 568 -10.28 -51.68 6.64
CA ALA A 568 -9.15 -50.82 6.98
C ALA A 568 -8.98 -49.71 5.95
N PHE A 569 -9.03 -50.07 4.66
CA PHE A 569 -8.80 -49.06 3.64
C PHE A 569 -9.99 -48.13 3.49
N ALA A 570 -11.21 -48.61 3.67
CA ALA A 570 -12.35 -47.71 3.70
C ALA A 570 -12.21 -46.72 4.84
N SER A 571 -11.77 -47.19 6.01
CA SER A 571 -11.59 -46.28 7.14
C SER A 571 -10.51 -45.25 6.84
N LEU A 572 -9.41 -45.67 6.25
CA LEU A 572 -8.35 -44.72 5.91
C LEU A 572 -8.87 -43.68 4.92
N SER A 573 -9.62 -44.12 3.91
CA SER A 573 -10.15 -43.17 2.94
C SER A 573 -11.11 -42.21 3.61
N LEU A 574 -11.93 -42.69 4.53
CA LEU A 574 -12.86 -41.79 5.22
C LEU A 574 -12.11 -40.78 6.06
N PHE A 575 -11.03 -41.20 6.73
CA PHE A 575 -10.24 -40.24 7.48
C PHE A 575 -9.63 -39.19 6.57
N HIS A 576 -9.12 -39.62 5.41
CA HIS A 576 -8.60 -38.66 4.45
C HIS A 576 -9.68 -37.70 3.99
N ILE A 577 -10.91 -38.21 3.84
CA ILE A 577 -12.03 -37.35 3.46
C ILE A 577 -12.30 -36.32 4.54
N LEU A 578 -12.28 -36.73 5.79
CA LEU A 578 -12.67 -35.86 6.89
C LEU A 578 -11.55 -34.92 7.33
N VAL A 579 -10.31 -35.16 6.92
CA VAL A 579 -9.22 -34.30 7.39
C VAL A 579 -9.42 -32.87 6.92
N THR A 580 -9.72 -32.68 5.64
CA THR A 580 -9.89 -31.31 5.13
C THR A 580 -11.07 -30.59 5.75
N PRO A 581 -12.28 -31.15 5.78
CA PRO A 581 -13.40 -30.38 6.34
C PRO A 581 -13.17 -29.95 7.77
N LEU A 582 -12.53 -30.76 8.60
CA LEU A 582 -12.34 -30.36 9.99
C LEU A 582 -11.25 -29.31 10.11
N PHE A 583 -10.16 -29.46 9.37
CA PHE A 583 -9.11 -28.44 9.40
C PHE A 583 -9.59 -27.11 8.83
N LEU A 584 -10.67 -27.12 8.05
CA LEU A 584 -11.15 -25.89 7.42
C LEU A 584 -12.41 -25.32 8.04
N LEU A 585 -13.13 -26.11 8.85
CA LEU A 585 -14.33 -25.58 9.49
C LEU A 585 -13.99 -24.44 10.44
N SER A 586 -12.89 -24.58 11.19
CA SER A 586 -12.47 -23.50 12.05
C SER A 586 -12.18 -22.24 11.24
N THR A 587 -11.53 -22.39 10.09
CA THR A 587 -11.22 -21.24 9.27
C THR A 587 -12.50 -20.56 8.76
N VAL A 588 -13.49 -21.36 8.33
CA VAL A 588 -14.71 -20.74 7.82
C VAL A 588 -15.48 -20.06 8.95
N VAL A 589 -15.47 -20.64 10.16
CA VAL A 589 -16.13 -19.97 11.27
C VAL A 589 -15.43 -18.66 11.61
N ARG A 590 -14.09 -18.67 11.59
CA ARG A 590 -13.36 -17.43 11.85
C ARG A 590 -13.67 -16.39 10.77
N PHE A 591 -13.75 -16.83 9.52
CA PHE A 591 -14.13 -15.90 8.45
C PHE A 591 -15.53 -15.36 8.67
N ALA A 592 -16.44 -16.19 9.19
CA ALA A 592 -17.80 -15.71 9.47
C ALA A 592 -17.78 -14.65 10.57
N VAL A 593 -16.97 -14.85 11.61
CA VAL A 593 -16.87 -13.83 12.65
C VAL A 593 -16.30 -12.54 12.07
N LYS A 594 -15.24 -12.65 11.26
CA LYS A 594 -14.67 -11.46 10.66
C LYS A 594 -15.65 -10.77 9.73
N ALA A 595 -16.49 -11.54 9.04
CA ALA A 595 -17.50 -10.93 8.17
C ALA A 595 -18.58 -10.23 8.98
N ILE A 596 -18.96 -10.79 10.13
CA ILE A 596 -19.95 -10.12 10.97
C ILE A 596 -19.40 -8.79 11.47
N ILE A 597 -18.15 -8.79 11.94
CA ILE A 597 -17.57 -7.53 12.41
C ILE A 597 -17.41 -6.55 11.26
N SER A 598 -17.04 -7.03 10.08
CA SER A 598 -16.90 -6.15 8.93
C SER A 598 -18.23 -5.53 8.54
N VAL A 599 -19.31 -6.31 8.58
CA VAL A 599 -20.61 -5.77 8.24
C VAL A 599 -21.06 -4.75 9.28
N GLN A 600 -20.75 -5.00 10.56
CA GLN A 600 -21.04 -3.99 11.57
C GLN A 600 -20.27 -2.70 11.28
N LYS A 601 -18.99 -2.84 10.92
CA LYS A 601 -18.19 -1.67 10.60
C LYS A 601 -18.76 -0.90 9.42
N LEU A 602 -19.19 -1.62 8.38
CA LEU A 602 -19.75 -0.96 7.21
C LEU A 602 -21.07 -0.28 7.54
N ASN A 603 -21.91 -0.93 8.34
CA ASN A 603 -23.16 -0.29 8.77
C ASN A 603 -22.87 0.98 9.54
N GLU A 604 -21.85 0.96 10.39
CA GLU A 604 -21.45 2.18 11.09
C GLU A 604 -21.02 3.25 10.10
N PHE A 605 -20.19 2.87 9.12
CA PHE A 605 -19.65 3.87 8.19
C PHE A 605 -20.75 4.53 7.39
N LEU A 606 -21.72 3.74 6.92
CA LEU A 606 -22.74 4.30 6.02
C LEU A 606 -23.57 5.37 6.69
N LEU A 607 -23.54 5.47 8.01
CA LEU A 607 -24.31 6.46 8.74
C LEU A 607 -23.52 7.74 9.02
N SER A 608 -22.30 7.85 8.50
CA SER A 608 -21.50 9.05 8.73
C SER A 608 -22.21 10.27 8.16
N ASP A 609 -22.06 11.40 8.85
CA ASP A 609 -22.79 12.60 8.50
C ASP A 609 -22.48 13.02 7.06
N GLU A 610 -23.29 13.95 6.56
CA GLU A 610 -23.15 14.42 5.18
C GLU A 610 -23.35 15.94 5.09
N ASP A 665 -24.82 40.88 -12.68
CA ASP A 665 -23.51 41.41 -12.26
C ASP A 665 -23.08 40.81 -10.93
N VAL A 666 -24.06 40.39 -10.12
CA VAL A 666 -23.79 39.81 -8.82
C VAL A 666 -23.59 38.31 -9.00
N ALA A 667 -22.35 37.85 -8.80
CA ALA A 667 -22.06 36.43 -9.00
C ALA A 667 -22.69 35.59 -7.91
N ILE A 668 -22.53 35.99 -6.66
CA ILE A 668 -23.03 35.23 -5.52
C ILE A 668 -23.59 36.19 -4.48
N LYS A 669 -24.66 35.78 -3.80
CA LYS A 669 -25.26 36.57 -2.73
C LYS A 669 -25.40 35.72 -1.49
N VAL A 670 -25.09 36.31 -0.34
CA VAL A 670 -25.29 35.70 0.96
C VAL A 670 -26.00 36.71 1.85
N THR A 671 -27.09 36.27 2.47
CA THR A 671 -27.91 37.14 3.31
C THR A 671 -28.04 36.51 4.69
N ASN A 672 -27.63 37.24 5.73
CA ASN A 672 -27.74 36.78 7.11
C ASN A 672 -27.14 35.40 7.26
N GLY A 673 -25.99 35.18 6.64
CA GLY A 673 -25.35 33.89 6.69
C GLY A 673 -24.97 33.48 8.10
N TYR A 674 -25.25 32.23 8.44
CA TYR A 674 -24.86 31.65 9.73
C TYR A 674 -24.54 30.17 9.47
N PHE A 675 -23.25 29.87 9.35
CA PHE A 675 -22.79 28.54 8.99
C PHE A 675 -22.06 27.91 10.18
N SER A 676 -22.25 26.61 10.36
CA SER A 676 -21.61 25.86 11.43
C SER A 676 -21.01 24.59 10.86
N TRP A 677 -19.86 24.18 11.42
CA TRP A 677 -19.19 22.99 10.93
C TRP A 677 -19.96 21.72 11.23
N GLY A 678 -20.95 21.76 12.11
CA GLY A 678 -21.78 20.61 12.38
C GLY A 678 -22.07 20.38 13.84
N SER A 679 -21.17 20.84 14.71
CA SER A 679 -21.32 20.67 16.15
C SER A 679 -22.29 21.66 16.77
N GLY A 680 -22.93 22.51 15.96
CA GLY A 680 -23.89 23.47 16.45
C GLY A 680 -23.29 24.80 16.86
N LEU A 681 -21.97 24.93 16.88
CA LEU A 681 -21.33 26.19 17.20
C LEU A 681 -21.20 27.03 15.94
N ALA A 682 -21.68 28.27 16.01
CA ALA A 682 -21.71 29.16 14.85
C ALA A 682 -20.31 29.68 14.60
N THR A 683 -19.55 28.94 13.79
CA THR A 683 -18.21 29.40 13.42
C THR A 683 -18.28 30.70 12.63
N LEU A 684 -19.26 30.83 11.74
CA LEU A 684 -19.48 32.03 10.96
C LEU A 684 -20.83 32.64 11.34
N SER A 685 -20.83 33.93 11.63
CA SER A 685 -22.04 34.64 12.05
C SER A 685 -22.15 35.95 11.29
N ASN A 686 -23.38 36.28 10.88
CA ASN A 686 -23.68 37.55 10.22
C ASN A 686 -22.83 37.72 8.96
N ILE A 687 -22.95 36.74 8.07
CA ILE A 687 -22.19 36.73 6.83
C ILE A 687 -23.05 37.33 5.73
N ASP A 688 -22.57 38.39 5.10
CA ASP A 688 -23.24 39.03 3.98
C ASP A 688 -22.19 39.54 3.01
N ILE A 689 -22.13 38.95 1.83
CA ILE A 689 -21.15 39.32 0.82
C ILE A 689 -21.84 39.45 -0.53
N ARG A 690 -21.15 40.10 -1.47
CA ARG A 690 -21.67 40.30 -2.81
C ARG A 690 -20.47 40.34 -3.75
N ILE A 691 -20.22 39.24 -4.44
CA ILE A 691 -19.03 39.08 -5.27
C ILE A 691 -19.41 39.51 -6.69
N PRO A 692 -18.83 40.59 -7.22
CA PRO A 692 -19.16 40.99 -8.59
C PRO A 692 -18.75 39.93 -9.59
N THR A 693 -19.52 39.83 -10.67
CA THR A 693 -19.28 38.84 -11.72
C THR A 693 -18.29 39.40 -12.73
N GLY A 694 -17.27 38.60 -13.06
CA GLY A 694 -16.26 39.01 -14.00
C GLY A 694 -15.21 39.94 -13.44
N GLN A 695 -15.16 40.12 -12.13
CA GLN A 695 -14.21 41.02 -11.49
C GLN A 695 -13.45 40.27 -10.40
N LEU A 696 -12.22 40.69 -10.17
CA LEU A 696 -11.38 40.07 -9.16
C LEU A 696 -11.80 40.53 -7.77
N THR A 697 -11.91 39.56 -6.85
CA THR A 697 -12.26 39.85 -5.47
C THR A 697 -11.27 39.14 -4.55
N MET A 698 -10.77 39.87 -3.56
CA MET A 698 -9.83 39.32 -2.58
C MET A 698 -10.38 39.54 -1.18
N ILE A 699 -10.19 38.54 -0.32
CA ILE A 699 -10.65 38.60 1.06
C ILE A 699 -9.43 38.46 1.96
N VAL A 700 -9.37 39.30 3.00
CA VAL A 700 -8.20 39.41 3.86
C VAL A 700 -8.63 39.25 5.32
N GLY A 701 -7.78 38.59 6.11
CA GLY A 701 -8.05 38.42 7.52
C GLY A 701 -6.84 37.84 8.21
N GLN A 702 -6.93 37.78 9.54
CA GLN A 702 -5.84 37.22 10.34
C GLN A 702 -5.77 35.71 10.14
N VAL A 703 -4.63 35.12 10.49
CA VAL A 703 -4.48 33.69 10.37
C VAL A 703 -5.51 33.08 11.29
N GLY A 704 -6.62 32.60 10.75
CA GLY A 704 -7.67 32.06 11.59
C GLY A 704 -8.77 33.08 11.78
N CYS A 705 -9.22 33.69 10.69
CA CYS A 705 -10.25 34.70 10.77
C CYS A 705 -11.38 34.41 9.82
N GLY A 706 -11.73 33.15 9.72
CA GLY A 706 -12.80 32.75 8.84
C GLY A 706 -12.54 33.13 7.40
N LYS A 707 -11.36 32.83 6.89
CA LYS A 707 -11.12 33.12 5.50
C LYS A 707 -11.46 31.82 4.76
N SER A 708 -10.65 30.78 4.95
CA SER A 708 -10.88 29.52 4.26
C SER A 708 -12.23 28.87 4.54
N SER A 709 -12.83 29.10 5.69
CA SER A 709 -14.13 28.49 5.96
C SER A 709 -15.23 29.10 5.11
N LEU A 710 -15.14 30.40 4.81
CA LEU A 710 -16.21 31.05 4.07
C LEU A 710 -16.37 30.43 2.68
N LEU A 711 -15.26 30.09 2.04
CA LEU A 711 -15.35 29.43 0.74
C LEU A 711 -16.12 28.13 0.84
N LEU A 712 -15.75 27.28 1.80
CA LEU A 712 -16.45 26.00 1.94
C LEU A 712 -17.93 26.22 2.24
N ALA A 713 -18.23 27.24 3.04
CA ALA A 713 -19.64 27.56 3.30
C ALA A 713 -20.36 27.92 2.01
N ILE A 714 -19.72 28.72 1.16
CA ILE A 714 -20.33 29.09 -0.11
C ILE A 714 -20.57 27.84 -0.96
N LEU A 715 -19.60 26.94 -0.99
CA LEU A 715 -19.73 25.71 -1.75
C LEU A 715 -20.76 24.75 -1.16
N GLY A 716 -21.23 25.00 0.06
CA GLY A 716 -22.22 24.17 0.70
C GLY A 716 -21.67 23.12 1.65
N GLU A 717 -20.35 22.94 1.70
CA GLU A 717 -19.78 21.94 2.59
C GLU A 717 -20.20 22.17 4.03
N MET A 718 -20.32 23.43 4.43
CA MET A 718 -20.74 23.76 5.79
C MET A 718 -22.24 23.55 5.93
N GLN A 719 -22.70 23.56 7.19
CA GLN A 719 -24.12 23.48 7.49
C GLN A 719 -24.71 24.88 7.58
N THR A 720 -25.75 25.13 6.79
CA THR A 720 -26.36 26.46 6.72
C THR A 720 -27.41 26.55 7.82
N LEU A 721 -27.01 27.10 8.97
CA LEU A 721 -27.97 27.29 10.05
C LEU A 721 -29.07 28.26 9.64
N GLU A 722 -28.68 29.42 9.12
CA GLU A 722 -29.64 30.45 8.73
C GLU A 722 -29.05 31.27 7.60
N GLY A 723 -29.91 31.70 6.68
CA GLY A 723 -29.49 32.55 5.58
C GLY A 723 -29.19 31.77 4.32
N LYS A 724 -30.03 31.94 3.30
CA LYS A 724 -29.85 31.21 2.06
C LYS A 724 -28.73 31.84 1.23
N VAL A 725 -28.20 31.04 0.30
CA VAL A 725 -27.17 31.49 -0.63
C VAL A 725 -27.75 31.41 -2.04
N TYR A 726 -27.67 32.53 -2.77
CA TYR A 726 -28.26 32.63 -4.10
C TYR A 726 -27.18 32.96 -5.11
N TRP A 727 -27.10 32.16 -6.17
CA TRP A 727 -26.13 32.33 -7.23
C TRP A 727 -26.74 33.16 -8.35
N ASN A 728 -26.04 33.22 -9.49
CA ASN A 728 -26.59 33.87 -10.67
C ASN A 728 -27.76 33.08 -11.22
N SER A 744 -28.68 24.68 -5.68
CA SER A 744 -28.34 24.63 -7.10
C SER A 744 -27.22 25.61 -7.41
N ARG A 745 -26.16 25.12 -8.06
CA ARG A 745 -25.02 25.95 -8.41
C ARG A 745 -24.26 25.30 -9.55
N TYR A 746 -23.64 26.14 -10.37
CA TYR A 746 -22.79 25.65 -11.44
C TYR A 746 -21.41 25.29 -10.90
N SER A 747 -20.61 24.62 -11.73
CA SER A 747 -19.28 24.24 -11.33
C SER A 747 -18.43 25.48 -11.06
N VAL A 748 -17.60 25.41 -10.03
CA VAL A 748 -16.75 26.52 -9.61
C VAL A 748 -15.34 25.98 -9.43
N ALA A 749 -14.40 26.50 -10.23
CA ALA A 749 -13.01 26.09 -10.09
C ALA A 749 -12.51 26.44 -8.71
N TYR A 750 -11.76 25.52 -8.11
CA TYR A 750 -11.35 25.67 -6.71
C TYR A 750 -9.96 25.06 -6.54
N ALA A 751 -9.04 25.86 -6.03
CA ALA A 751 -7.68 25.42 -5.71
C ALA A 751 -7.57 25.42 -4.19
N ALA A 752 -7.67 24.25 -3.58
CA ALA A 752 -7.73 24.17 -2.13
C ALA A 752 -6.46 24.73 -1.51
N GLN A 753 -6.54 25.30 -0.31
CA GLN A 753 -5.39 25.78 0.42
C GLN A 753 -4.33 24.70 0.54
N LYS A 754 -4.82 23.52 0.91
CA LYS A 754 -3.96 22.35 0.91
C LYS A 754 -3.98 21.74 -0.49
N PRO A 755 -2.88 21.76 -1.24
CA PRO A 755 -2.92 21.25 -2.61
C PRO A 755 -3.29 19.78 -2.66
N TRP A 756 -4.04 19.40 -3.69
CA TRP A 756 -4.48 18.04 -3.90
C TRP A 756 -4.10 17.61 -5.30
N LEU A 757 -3.43 16.46 -5.42
CA LEU A 757 -2.86 16.03 -6.69
C LEU A 757 -3.32 14.63 -7.03
N LEU A 758 -3.87 14.47 -8.24
CA LEU A 758 -4.20 13.15 -8.75
C LEU A 758 -2.91 12.38 -9.04
N ASN A 759 -2.94 11.08 -8.73
CA ASN A 759 -1.76 10.26 -8.97
C ASN A 759 -1.40 10.17 -10.43
N ALA A 760 -2.30 10.56 -11.33
CA ALA A 760 -1.99 10.57 -12.75
C ALA A 760 -0.93 11.62 -13.04
N THR A 761 -0.56 11.72 -14.31
CA THR A 761 0.56 12.56 -14.72
C THR A 761 0.23 14.04 -14.52
N VAL A 762 1.22 14.89 -14.80
CA VAL A 762 1.02 16.33 -14.69
C VAL A 762 0.00 16.81 -15.72
N GLU A 763 0.09 16.31 -16.95
CA GLU A 763 -0.82 16.76 -17.99
C GLU A 763 -2.27 16.46 -17.60
N GLU A 764 -2.51 15.27 -17.04
CA GLU A 764 -3.87 14.94 -16.60
C GLU A 764 -4.32 15.84 -15.46
N ASN A 765 -3.44 16.08 -14.48
CA ASN A 765 -3.83 16.92 -13.35
C ASN A 765 -4.19 18.32 -13.81
N ILE A 766 -3.37 18.91 -14.68
CA ILE A 766 -3.67 20.25 -15.17
C ILE A 766 -4.94 20.25 -15.99
N THR A 767 -5.08 19.29 -16.90
CA THR A 767 -6.30 19.21 -17.69
C THR A 767 -7.50 18.86 -16.81
N PHE A 768 -7.37 17.80 -16.01
CA PHE A 768 -8.41 17.40 -15.07
C PHE A 768 -9.76 17.25 -15.78
N GLY A 769 -9.80 16.31 -16.73
CA GLY A 769 -11.04 15.95 -17.37
C GLY A 769 -11.54 16.95 -18.39
N SER A 770 -10.73 17.90 -18.82
CA SER A 770 -11.13 18.87 -19.81
C SER A 770 -10.53 18.53 -21.18
N SER A 771 -11.05 19.19 -22.20
CA SER A 771 -10.60 18.96 -23.58
C SER A 771 -9.19 19.51 -23.72
N PHE A 772 -8.20 18.62 -23.75
CA PHE A 772 -6.81 19.04 -23.88
C PHE A 772 -6.63 19.94 -25.09
N ASN A 773 -6.29 21.20 -24.83
CA ASN A 773 -6.06 22.18 -25.89
C ASN A 773 -4.63 22.69 -25.76
N ARG A 774 -3.85 22.51 -26.83
CA ARG A 774 -2.43 22.82 -26.76
C ARG A 774 -2.20 24.30 -26.44
N GLN A 775 -2.93 25.18 -27.12
CA GLN A 775 -2.72 26.61 -26.90
C GLN A 775 -3.02 26.99 -25.46
N ARG A 776 -4.20 26.63 -24.97
CA ARG A 776 -4.59 26.98 -23.60
C ARG A 776 -3.67 26.30 -22.59
N TYR A 777 -3.32 25.04 -22.84
CA TYR A 777 -2.44 24.32 -21.93
C TYR A 777 -1.10 25.05 -21.82
N LYS A 778 -0.51 25.42 -22.95
CA LYS A 778 0.77 26.12 -22.92
C LYS A 778 0.63 27.47 -22.24
N ALA A 779 -0.45 28.19 -22.53
CA ALA A 779 -0.63 29.50 -21.91
C ALA A 779 -0.70 29.38 -20.40
N VAL A 780 -1.46 28.40 -19.90
CA VAL A 780 -1.59 28.22 -18.46
C VAL A 780 -0.24 27.83 -17.85
N THR A 781 0.45 26.88 -18.48
CA THR A 781 1.72 26.43 -17.92
C THR A 781 2.73 27.57 -17.87
N ASP A 782 2.79 28.38 -18.92
CA ASP A 782 3.68 29.53 -18.91
C ASP A 782 3.29 30.51 -17.82
N ALA A 783 1.99 30.80 -17.71
CA ALA A 783 1.53 31.70 -16.68
C ALA A 783 1.80 31.15 -15.29
N CYS A 784 1.81 29.83 -15.13
CA CYS A 784 2.06 29.20 -13.85
C CYS A 784 3.54 28.99 -13.58
N SER A 785 4.41 29.31 -14.52
CA SER A 785 5.87 29.25 -14.32
C SER A 785 6.37 27.83 -14.14
N LEU A 786 5.67 26.85 -14.71
CA LEU A 786 6.06 25.46 -14.58
C LEU A 786 6.83 24.93 -15.78
N GLN A 787 6.99 25.73 -16.84
CA GLN A 787 7.65 25.24 -18.03
C GLN A 787 9.03 24.63 -17.76
N PRO A 788 9.90 25.23 -16.96
CA PRO A 788 11.20 24.62 -16.70
C PRO A 788 11.12 23.53 -15.64
N ASP A 789 10.22 23.69 -14.69
CA ASP A 789 10.10 22.70 -13.62
C ASP A 789 9.63 21.35 -14.15
N ILE A 790 8.68 21.36 -15.09
CA ILE A 790 8.22 20.11 -15.67
C ILE A 790 9.35 19.44 -16.45
N ASP A 791 10.18 20.24 -17.12
CA ASP A 791 11.32 19.68 -17.83
C ASP A 791 12.29 19.00 -16.87
N LEU A 792 12.39 19.51 -15.64
CA LEU A 792 13.32 18.94 -14.67
C LEU A 792 12.96 17.50 -14.33
N LEU A 793 11.66 17.21 -14.20
CA LEU A 793 11.22 15.90 -13.77
C LEU A 793 11.53 14.86 -14.85
N PRO A 794 11.53 13.57 -14.49
CA PRO A 794 12.02 12.54 -15.43
C PRO A 794 11.35 12.60 -16.80
N PHE A 795 10.05 12.85 -16.85
CA PHE A 795 9.32 12.99 -18.10
C PHE A 795 8.74 14.39 -18.17
N GLY A 796 8.95 15.07 -19.30
CA GLY A 796 8.61 16.48 -19.38
C GLY A 796 7.14 16.75 -19.11
N ASP A 797 6.25 15.93 -19.67
CA ASP A 797 4.83 16.21 -19.59
C ASP A 797 4.00 15.03 -19.11
N GLN A 798 4.62 13.93 -18.67
CA GLN A 798 3.85 12.74 -18.34
C GLN A 798 4.35 12.05 -17.08
N THR A 799 5.18 12.71 -16.28
CA THR A 799 5.70 12.08 -15.07
C THR A 799 4.60 11.90 -14.03
N GLU A 800 4.70 10.81 -13.27
CA GLU A 800 3.76 10.56 -12.18
C GLU A 800 3.92 11.62 -11.10
N ILE A 801 2.84 11.88 -10.37
CA ILE A 801 2.79 12.95 -9.38
C ILE A 801 2.05 12.44 -8.15
N GLY A 802 2.20 13.18 -7.05
CA GLY A 802 1.44 12.91 -5.85
C GLY A 802 1.95 11.66 -5.14
N GLU A 803 1.18 11.26 -4.14
CA GLU A 803 1.51 10.06 -3.39
C GLU A 803 1.65 8.88 -4.33
N ARG A 804 2.72 8.10 -4.14
CA ARG A 804 3.03 6.97 -5.01
C ARG A 804 3.54 7.43 -6.38
N GLY A 805 4.17 8.61 -6.41
CA GLY A 805 4.76 9.14 -7.62
C GLY A 805 5.93 10.03 -7.27
N ILE A 806 6.57 10.58 -8.29
CA ILE A 806 7.72 11.44 -8.09
C ILE A 806 7.28 12.59 -7.19
N ASN A 807 7.86 12.68 -6.00
CA ASN A 807 7.46 13.71 -5.06
C ASN A 807 7.84 15.08 -5.60
N LEU A 808 7.05 16.08 -5.19
CA LEU A 808 7.26 17.46 -5.61
C LEU A 808 7.29 18.37 -4.40
N SER A 809 7.92 19.53 -4.57
CA SER A 809 7.96 20.52 -3.51
C SER A 809 6.58 21.16 -3.32
N GLY A 810 6.37 21.73 -2.14
CA GLY A 810 5.10 22.38 -1.87
C GLY A 810 4.76 23.45 -2.88
N GLY A 811 5.76 24.23 -3.30
CA GLY A 811 5.53 25.22 -4.33
C GLY A 811 5.07 24.59 -5.63
N GLN A 812 5.66 23.47 -6.01
CA GLN A 812 5.25 22.79 -7.23
C GLN A 812 3.83 22.26 -7.13
N ARG A 813 3.46 21.71 -5.97
CA ARG A 813 2.09 21.24 -5.77
C ARG A 813 1.10 22.40 -5.87
N GLN A 814 1.42 23.52 -5.24
CA GLN A 814 0.52 24.67 -5.31
C GLN A 814 0.41 25.17 -6.74
N ARG A 815 1.53 25.19 -7.47
CA ARG A 815 1.48 25.62 -8.86
C ARG A 815 0.63 24.69 -9.70
N ILE A 816 0.75 23.38 -9.49
CA ILE A 816 -0.06 22.43 -10.24
C ILE A 816 -1.54 22.65 -9.95
N CYS A 817 -1.89 22.82 -8.68
CA CYS A 817 -3.28 23.04 -8.32
C CYS A 817 -3.81 24.33 -8.93
N VAL A 818 -3.03 25.40 -8.88
CA VAL A 818 -3.48 26.66 -9.46
C VAL A 818 -3.65 26.52 -10.96
N ALA A 819 -2.73 25.81 -11.61
CA ALA A 819 -2.86 25.58 -13.05
C ALA A 819 -4.14 24.82 -13.34
N ARG A 820 -4.44 23.80 -12.55
CA ARG A 820 -5.69 23.05 -12.73
C ARG A 820 -6.89 23.98 -12.61
N ALA A 821 -6.89 24.82 -11.57
CA ALA A 821 -8.02 25.73 -11.39
C ALA A 821 -8.17 26.66 -12.57
N LEU A 822 -7.06 27.21 -13.06
CA LEU A 822 -7.12 28.15 -14.16
C LEU A 822 -7.58 27.49 -15.45
N TYR A 823 -7.12 26.27 -15.69
CA TYR A 823 -7.35 25.64 -16.99
C TYR A 823 -8.83 25.45 -17.29
N GLN A 824 -9.61 25.10 -16.26
CA GLN A 824 -11.02 24.83 -16.47
C GLN A 824 -11.73 26.04 -17.06
N ASN A 825 -12.76 25.77 -17.86
CA ASN A 825 -13.54 26.83 -18.48
C ASN A 825 -14.60 27.41 -17.55
N THR A 826 -14.75 26.86 -16.35
CA THR A 826 -15.77 27.34 -15.43
C THR A 826 -15.55 28.82 -15.12
N ASN A 827 -16.66 29.56 -15.02
CA ASN A 827 -16.56 31.01 -14.87
C ASN A 827 -16.13 31.43 -13.47
N ILE A 828 -16.63 30.76 -12.44
CA ILE A 828 -16.29 31.11 -11.07
C ILE A 828 -14.99 30.43 -10.69
N VAL A 829 -14.11 31.15 -10.01
CA VAL A 829 -12.82 30.61 -9.57
C VAL A 829 -12.60 31.00 -8.11
N PHE A 830 -12.36 30.01 -7.26
CA PHE A 830 -12.04 30.23 -5.86
C PHE A 830 -10.60 29.78 -5.64
N LEU A 831 -9.71 30.74 -5.42
CA LEU A 831 -8.31 30.46 -5.11
C LEU A 831 -8.08 30.74 -3.64
N ASP A 832 -7.48 29.78 -2.94
CA ASP A 832 -7.22 29.88 -1.51
C ASP A 832 -5.71 29.78 -1.29
N ASP A 833 -5.09 30.90 -0.93
CA ASP A 833 -3.66 30.98 -0.69
C ASP A 833 -2.87 30.29 -1.81
N PRO A 834 -3.04 30.72 -3.06
CA PRO A 834 -2.20 30.18 -4.13
C PRO A 834 -0.74 30.52 -3.98
N PHE A 835 -0.40 31.53 -3.19
CA PHE A 835 0.97 32.03 -3.10
C PHE A 835 1.70 31.59 -1.84
N SER A 836 1.05 30.83 -0.95
CA SER A 836 1.67 30.51 0.33
C SER A 836 3.02 29.81 0.13
N ALA A 837 3.04 28.75 -0.68
CA ALA A 837 4.29 28.05 -0.93
C ALA A 837 5.16 28.77 -1.95
N LEU A 838 4.54 29.47 -2.89
CA LEU A 838 5.30 30.09 -3.97
C LEU A 838 6.27 31.12 -3.42
N ASP A 839 7.42 31.22 -4.08
CA ASP A 839 8.38 32.27 -3.76
C ASP A 839 7.84 33.62 -4.22
N ILE A 840 8.49 34.69 -3.77
CA ILE A 840 8.01 36.04 -4.08
C ILE A 840 8.03 36.28 -5.59
N HIS A 841 9.12 35.90 -6.25
CA HIS A 841 9.19 36.07 -7.69
C HIS A 841 8.12 35.25 -8.39
N LEU A 842 7.92 34.01 -7.95
CA LEU A 842 6.91 33.16 -8.56
C LEU A 842 5.52 33.75 -8.41
N SER A 843 5.19 34.21 -7.20
CA SER A 843 3.88 34.80 -6.97
C SER A 843 3.69 36.06 -7.80
N ASP A 844 4.71 36.91 -7.87
CA ASP A 844 4.61 38.12 -8.67
C ASP A 844 4.36 37.78 -10.13
N HIS A 845 5.13 36.84 -10.67
CA HIS A 845 4.92 36.44 -12.06
C HIS A 845 3.52 35.88 -12.26
N LEU A 846 3.07 35.05 -11.32
CA LEU A 846 1.77 34.40 -11.48
C LEU A 846 0.65 35.42 -11.52
N MET A 847 0.61 36.34 -10.55
CA MET A 847 -0.48 37.30 -10.52
C MET A 847 -0.35 38.31 -11.66
N GLN A 848 0.86 38.70 -12.03
CA GLN A 848 1.01 39.73 -13.04
C GLN A 848 0.27 39.36 -14.31
N GLU A 849 0.26 38.10 -14.67
CA GLU A 849 -0.42 37.63 -15.88
C GLU A 849 -1.38 36.49 -15.62
N GLY A 850 -1.07 35.59 -14.68
CA GLY A 850 -1.96 34.47 -14.42
C GLY A 850 -3.33 34.91 -13.92
N ILE A 851 -3.37 35.91 -13.04
CA ILE A 851 -4.63 36.38 -12.49
C ILE A 851 -5.07 37.62 -13.22
N LEU A 852 -4.22 38.65 -13.25
CA LEU A 852 -4.63 39.93 -13.83
C LEU A 852 -4.92 39.81 -15.31
N LYS A 853 -4.14 39.02 -16.05
CA LYS A 853 -4.30 38.91 -17.50
C LYS A 853 -5.10 37.69 -17.91
N PHE A 854 -4.66 36.50 -17.51
CA PHE A 854 -5.27 35.27 -18.03
C PHE A 854 -6.74 35.18 -17.66
N LEU A 855 -7.08 35.39 -16.38
CA LEU A 855 -8.47 35.31 -15.97
C LEU A 855 -9.28 36.47 -16.53
N GLN A 856 -8.78 37.70 -16.37
CA GLN A 856 -9.52 38.85 -16.87
C GLN A 856 -9.74 38.74 -18.38
N ASP A 857 -8.82 38.09 -19.09
CA ASP A 857 -9.05 37.85 -20.51
C ASP A 857 -10.30 37.01 -20.73
N ASP A 858 -10.55 36.05 -19.84
CA ASP A 858 -11.73 35.20 -19.92
C ASP A 858 -12.92 35.77 -19.15
N LYS A 859 -12.77 36.95 -18.55
CA LYS A 859 -13.86 37.59 -17.82
C LYS A 859 -14.46 36.65 -16.79
N ARG A 860 -13.59 35.94 -16.07
CA ARG A 860 -14.01 34.96 -15.08
C ARG A 860 -14.02 35.58 -13.68
N THR A 861 -15.08 35.31 -12.94
CA THR A 861 -15.13 35.74 -11.55
C THR A 861 -14.01 35.06 -10.76
N VAL A 862 -13.30 35.83 -9.95
CA VAL A 862 -12.15 35.34 -9.20
C VAL A 862 -12.31 35.74 -7.75
N VAL A 863 -12.08 34.79 -6.84
CA VAL A 863 -12.14 35.02 -5.40
C VAL A 863 -10.83 34.50 -4.84
N LEU A 864 -9.90 35.41 -4.57
CA LEU A 864 -8.56 35.06 -4.12
C LEU A 864 -8.44 35.32 -2.62
N VAL A 865 -7.93 34.33 -1.89
CA VAL A 865 -7.81 34.41 -0.44
C VAL A 865 -6.33 34.39 -0.11
N THR A 866 -5.74 35.56 0.11
CA THR A 866 -4.38 35.66 0.58
C THR A 866 -4.28 36.80 1.58
N HIS A 867 -3.33 36.66 2.51
CA HIS A 867 -3.02 37.72 3.46
C HIS A 867 -1.96 38.67 2.93
N LYS A 868 -1.46 38.45 1.72
CA LYS A 868 -0.51 39.35 1.10
C LYS A 868 -1.25 40.62 0.68
N LEU A 869 -1.14 41.67 1.49
CA LEU A 869 -1.90 42.88 1.25
C LEU A 869 -1.33 43.71 0.11
N GLN A 870 -0.06 43.52 -0.24
CA GLN A 870 0.57 44.36 -1.24
C GLN A 870 -0.16 44.33 -2.57
N TYR A 871 -0.86 43.22 -2.87
CA TYR A 871 -1.59 43.09 -4.10
C TYR A 871 -3.01 43.65 -4.02
N LEU A 872 -3.41 44.20 -2.87
CA LEU A 872 -4.75 44.74 -2.73
C LEU A 872 -5.02 45.83 -3.76
N THR A 873 -3.97 46.52 -4.21
CA THR A 873 -4.16 47.61 -5.17
C THR A 873 -4.88 47.14 -6.42
N HIS A 874 -4.72 45.87 -6.79
CA HIS A 874 -5.36 45.33 -7.98
C HIS A 874 -6.78 44.84 -7.72
N ALA A 875 -7.18 44.72 -6.47
CA ALA A 875 -8.48 44.11 -6.16
C ALA A 875 -9.62 45.05 -6.54
N ASP A 876 -10.60 44.51 -7.27
CA ASP A 876 -11.79 45.28 -7.58
C ASP A 876 -12.74 45.33 -6.39
N TRP A 877 -12.81 44.24 -5.61
CA TRP A 877 -13.64 44.17 -4.42
C TRP A 877 -12.83 43.55 -3.29
N ILE A 878 -13.04 44.04 -2.07
CA ILE A 878 -12.31 43.58 -0.90
C ILE A 878 -13.28 43.24 0.20
N ILE A 879 -13.04 42.11 0.88
CA ILE A 879 -13.84 41.69 2.01
C ILE A 879 -12.88 41.42 3.16
N ALA A 880 -13.07 42.09 4.29
CA ALA A 880 -12.25 41.90 5.47
C ALA A 880 -12.98 40.97 6.43
N MET A 881 -12.35 39.85 6.76
CA MET A 881 -12.92 38.84 7.64
C MET A 881 -12.05 38.71 8.88
N LYS A 882 -12.68 38.71 10.05
CA LYS A 882 -11.98 38.56 11.31
C LYS A 882 -12.91 37.96 12.34
N ASP A 883 -12.43 36.93 13.03
CA ASP A 883 -13.22 36.26 14.07
C ASP A 883 -14.54 35.74 13.51
N GLY A 884 -14.50 35.23 12.29
CA GLY A 884 -15.69 34.64 11.69
C GLY A 884 -16.75 35.64 11.28
N SER A 885 -16.40 36.92 11.18
CA SER A 885 -17.32 37.94 10.74
C SER A 885 -16.61 38.86 9.74
N VAL A 886 -17.35 39.28 8.72
CA VAL A 886 -16.79 40.12 7.67
C VAL A 886 -16.78 41.56 8.16
N LEU A 887 -15.59 42.14 8.29
CA LEU A 887 -15.49 43.53 8.75
C LEU A 887 -16.23 44.47 7.80
N ARG A 888 -15.95 44.36 6.50
CA ARG A 888 -16.62 45.19 5.51
C ARG A 888 -16.36 44.60 4.13
N GLU A 889 -17.21 44.99 3.18
CA GLU A 889 -17.12 44.52 1.80
C GLU A 889 -17.23 45.72 0.87
N GLY A 890 -16.20 45.96 0.07
CA GLY A 890 -16.21 47.07 -0.85
C GLY A 890 -14.91 47.16 -1.60
N THR A 891 -14.81 48.20 -2.43
CA THR A 891 -13.60 48.45 -3.19
C THR A 891 -12.50 48.97 -2.26
N LEU A 892 -11.28 49.06 -2.81
CA LEU A 892 -10.15 49.55 -2.03
C LEU A 892 -10.38 50.99 -1.59
N LYS A 893 -10.70 51.87 -2.55
CA LYS A 893 -10.95 53.27 -2.19
C LYS A 893 -12.19 53.39 -1.31
N ASP A 894 -13.26 52.67 -1.64
CA ASP A 894 -14.46 52.71 -0.82
C ASP A 894 -14.18 52.19 0.58
N ILE A 895 -13.42 51.09 0.68
CA ILE A 895 -13.09 50.54 2.00
C ILE A 895 -12.28 51.55 2.80
N GLN A 896 -11.28 52.17 2.16
CA GLN A 896 -10.43 53.13 2.87
C GLN A 896 -11.25 54.33 3.35
N THR A 897 -12.14 54.85 2.50
CA THR A 897 -12.96 55.98 2.90
C THR A 897 -13.90 55.60 4.04
N LYS A 898 -14.52 54.42 3.95
CA LYS A 898 -15.46 53.99 4.98
C LYS A 898 -14.74 53.57 6.25
N ASP A 899 -13.64 52.83 6.13
CA ASP A 899 -12.91 52.26 7.26
C ASP A 899 -11.47 52.75 7.22
N VAL A 900 -11.22 53.91 7.83
CA VAL A 900 -9.85 54.40 7.93
C VAL A 900 -9.01 53.51 8.83
N GLU A 901 -9.62 52.97 9.88
CA GLU A 901 -8.90 52.09 10.78
C GLU A 901 -8.44 50.82 10.06
N LEU A 902 -9.29 50.27 9.18
CA LEU A 902 -8.89 49.10 8.42
C LEU A 902 -7.72 49.41 7.51
N TYR A 903 -7.75 50.57 6.83
CA TYR A 903 -6.63 50.95 5.99
C TYR A 903 -5.37 51.12 6.81
N GLU A 904 -5.48 51.71 7.99
CA GLU A 904 -4.32 51.87 8.86
C GLU A 904 -3.77 50.51 9.27
N HIS A 905 -4.64 49.57 9.62
CA HIS A 905 -4.19 48.24 10.01
C HIS A 905 -3.50 47.54 8.85
N TRP A 906 -4.05 47.65 7.64
CA TRP A 906 -3.42 47.04 6.48
C TRP A 906 -2.06 47.67 6.21
N LYS A 907 -1.95 49.00 6.36
CA LYS A 907 -0.67 49.66 6.17
C LYS A 907 0.34 49.20 7.21
N THR A 908 -0.09 49.06 8.47
CA THR A 908 0.80 48.57 9.51
C THR A 908 1.28 47.16 9.18
N LEU A 909 0.36 46.30 8.73
CA LEU A 909 0.76 44.97 8.29
C LEU A 909 1.78 45.05 7.17
N MET A 910 1.59 46.00 6.25
CA MET A 910 2.56 46.20 5.18
C MET A 910 3.93 46.58 5.74
N ASN A 911 3.94 47.43 6.77
CA ASN A 911 5.18 47.95 7.34
C ASN A 911 5.93 48.87 6.38
N ARG A 912 5.22 49.40 5.38
CA ARG A 912 5.84 50.28 4.40
C ARG A 912 4.78 51.16 3.75
N LEU A 969 10.24 -14.85 -25.51
CA LEU A 969 9.42 -13.92 -24.75
C LEU A 969 9.04 -14.53 -23.41
N ARG A 970 8.93 -15.86 -23.38
CA ARG A 970 8.49 -16.54 -22.17
C ARG A 970 9.49 -16.34 -21.04
N THR A 971 8.97 -16.11 -19.83
CA THR A 971 9.80 -15.99 -18.65
C THR A 971 9.81 -17.33 -17.92
N LYS A 972 10.95 -18.02 -17.97
CA LYS A 972 11.08 -19.31 -17.32
C LYS A 972 11.05 -19.14 -15.80
N MET A 973 10.82 -20.26 -15.10
CA MET A 973 10.82 -20.22 -13.65
C MET A 973 12.18 -19.73 -13.16
N PRO A 974 12.23 -18.73 -12.30
CA PRO A 974 13.52 -18.18 -11.89
C PRO A 974 14.17 -19.01 -10.79
N TRP A 975 14.86 -20.08 -11.17
CA TRP A 975 15.47 -20.95 -10.17
C TRP A 975 16.51 -20.22 -9.33
N LYS A 976 17.33 -19.39 -9.97
CA LYS A 976 18.46 -18.79 -9.26
C LYS A 976 18.01 -18.07 -8.01
N THR A 977 17.00 -17.20 -8.13
CA THR A 977 16.49 -16.50 -6.96
C THR A 977 15.86 -17.48 -5.97
N CYS A 978 15.19 -18.51 -6.48
CA CYS A 978 14.60 -19.51 -5.59
C CYS A 978 15.69 -20.20 -4.77
N TRP A 979 16.76 -20.63 -5.44
CA TRP A 979 17.86 -21.27 -4.73
C TRP A 979 18.50 -20.32 -3.73
N TRP A 980 18.67 -19.06 -4.12
CA TRP A 980 19.26 -18.09 -3.21
C TRP A 980 18.39 -17.90 -1.98
N TYR A 981 17.07 -17.81 -2.18
CA TYR A 981 16.16 -17.71 -1.04
C TYR A 981 16.29 -18.94 -0.14
N LEU A 982 16.31 -20.13 -0.74
CA LEU A 982 16.40 -21.34 0.06
C LEU A 982 17.68 -21.37 0.88
N THR A 983 18.80 -21.00 0.27
CA THR A 983 20.08 -21.03 0.97
C THR A 983 20.26 -19.88 1.93
N SER A 984 19.44 -18.83 1.83
CA SER A 984 19.58 -17.69 2.73
C SER A 984 19.61 -18.13 4.17
N GLY A 985 18.78 -19.11 4.54
CA GLY A 985 18.77 -19.58 5.90
C GLY A 985 20.07 -20.28 6.30
N GLY A 986 20.83 -20.75 5.32
CA GLY A 986 22.06 -21.49 5.61
C GLY A 986 21.88 -22.90 5.09
N PHE A 987 22.92 -23.40 4.41
CA PHE A 987 22.83 -24.70 3.77
C PHE A 987 22.38 -25.77 4.75
N PHE A 988 22.86 -25.70 5.99
CA PHE A 988 22.48 -26.70 6.97
C PHE A 988 20.97 -26.72 7.17
N LEU A 989 20.34 -25.56 7.25
CA LEU A 989 18.91 -25.52 7.49
C LEU A 989 18.14 -26.09 6.30
N LEU A 990 18.56 -25.78 5.08
CA LEU A 990 17.92 -26.36 3.90
C LEU A 990 18.05 -27.89 3.90
N PHE A 991 19.25 -28.38 4.21
CA PHE A 991 19.44 -29.82 4.28
C PHE A 991 18.55 -30.45 5.34
N LEU A 992 18.47 -29.82 6.51
CA LEU A 992 17.61 -30.34 7.55
C LEU A 992 16.17 -30.38 7.09
N MET A 993 15.69 -29.31 6.45
CA MET A 993 14.30 -29.27 6.01
C MET A 993 14.02 -30.39 5.03
N ILE A 994 14.83 -30.50 3.98
CA ILE A 994 14.55 -31.49 2.94
C ILE A 994 14.66 -32.90 3.51
N PHE A 995 15.70 -33.17 4.31
CA PHE A 995 15.88 -34.50 4.87
C PHE A 995 14.75 -34.85 5.83
N SER A 996 14.34 -33.91 6.67
CA SER A 996 13.26 -34.18 7.60
C SER A 996 11.95 -34.47 6.86
N LYS A 997 11.65 -33.70 5.82
CA LYS A 997 10.43 -33.98 5.06
C LYS A 997 10.50 -35.33 4.39
N LEU A 998 11.65 -35.67 3.80
CA LEU A 998 11.80 -36.99 3.19
C LEU A 998 11.54 -38.08 4.20
N LEU A 999 12.15 -37.97 5.38
CA LEU A 999 11.96 -38.99 6.40
C LEU A 999 10.51 -39.06 6.86
N LYS A 1000 9.86 -37.91 7.03
CA LYS A 1000 8.47 -37.89 7.45
C LYS A 1000 7.60 -38.65 6.46
N HIS A 1001 7.75 -38.35 5.17
CA HIS A 1001 6.89 -39.00 4.19
C HIS A 1001 7.23 -40.47 4.05
N SER A 1002 8.50 -40.84 4.20
CA SER A 1002 8.84 -42.24 4.22
C SER A 1002 8.15 -42.95 5.37
N VAL A 1003 8.12 -42.32 6.55
CA VAL A 1003 7.50 -42.97 7.70
C VAL A 1003 6.00 -43.07 7.50
N ILE A 1004 5.37 -42.06 6.89
CA ILE A 1004 3.93 -42.13 6.68
C ILE A 1004 3.58 -43.22 5.68
N VAL A 1005 4.32 -43.29 4.58
CA VAL A 1005 4.10 -44.38 3.63
C VAL A 1005 4.35 -45.72 4.30
N ALA A 1006 5.33 -45.78 5.20
CA ALA A 1006 5.57 -47.01 5.93
C ALA A 1006 4.39 -47.36 6.83
N ILE A 1007 3.76 -46.36 7.43
CA ILE A 1007 2.57 -46.63 8.23
C ILE A 1007 1.50 -47.26 7.35
N ASP A 1008 1.27 -46.67 6.18
CA ASP A 1008 0.24 -47.20 5.30
C ASP A 1008 0.57 -48.62 4.84
N TYR A 1009 1.84 -48.88 4.51
CA TYR A 1009 2.24 -50.23 4.11
C TYR A 1009 2.14 -51.21 5.26
N TRP A 1010 2.43 -50.76 6.48
CA TRP A 1010 2.27 -51.61 7.65
C TRP A 1010 0.82 -52.01 7.81
N LEU A 1011 -0.10 -51.05 7.64
CA LEU A 1011 -1.51 -51.37 7.68
C LEU A 1011 -1.86 -52.37 6.59
N ALA A 1012 -1.29 -52.19 5.39
CA ALA A 1012 -1.58 -53.11 4.29
C ALA A 1012 -1.15 -54.52 4.64
N THR A 1013 0.06 -54.69 5.15
CA THR A 1013 0.54 -56.02 5.52
C THR A 1013 -0.32 -56.60 6.64
N TRP A 1014 -0.66 -55.78 7.63
CA TRP A 1014 -1.47 -56.25 8.74
C TRP A 1014 -2.81 -56.78 8.26
N THR A 1015 -3.43 -56.07 7.32
CA THR A 1015 -4.68 -56.56 6.75
C THR A 1015 -4.46 -57.84 5.97
N SER A 1016 -3.42 -57.87 5.13
CA SER A 1016 -3.16 -59.07 4.33
C SER A 1016 -2.97 -60.30 5.21
N GLU A 1017 -2.48 -60.10 6.43
CA GLU A 1017 -2.32 -61.25 7.33
C GLU A 1017 -3.63 -61.96 7.58
N TYR A 1018 -4.75 -61.25 7.50
CA TYR A 1018 -6.06 -61.86 7.74
C TYR A 1018 -6.30 -63.02 6.78
N GLN A 1028 -1.70 -60.83 16.09
CA GLN A 1028 -2.15 -59.44 16.17
C GLN A 1028 -1.26 -58.56 17.12
N THR A 1029 -0.85 -59.09 18.29
CA THR A 1029 -0.02 -58.25 19.22
C THR A 1029 1.31 -57.76 18.52
N PHE A 1030 1.99 -58.61 17.74
CA PHE A 1030 3.23 -58.13 17.06
C PHE A 1030 2.89 -56.91 16.13
N TYR A 1031 1.79 -56.99 15.34
CA TYR A 1031 1.40 -55.82 14.47
C TYR A 1031 1.03 -54.53 15.32
N VAL A 1032 0.34 -54.67 16.47
CA VAL A 1032 -0.05 -53.42 17.24
C VAL A 1032 1.17 -52.53 17.59
N ALA A 1033 2.20 -53.17 18.10
CA ALA A 1033 3.41 -52.47 18.52
C ALA A 1033 4.06 -51.78 17.34
N GLY A 1034 4.17 -52.48 16.21
CA GLY A 1034 4.81 -51.86 15.05
C GLY A 1034 4.06 -50.63 14.59
N PHE A 1035 2.74 -50.73 14.49
CA PHE A 1035 1.94 -49.61 14.04
C PHE A 1035 2.07 -48.43 15.00
N SER A 1036 2.06 -48.71 16.30
CA SER A 1036 2.17 -47.62 17.27
C SER A 1036 3.52 -46.93 17.17
N ILE A 1037 4.60 -47.71 17.02
CA ILE A 1037 5.92 -47.11 16.91
C ILE A 1037 6.01 -46.25 15.67
N LEU A 1038 5.50 -46.75 14.54
CA LEU A 1038 5.54 -45.96 13.31
C LEU A 1038 4.70 -44.71 13.44
N CYS A 1039 3.56 -44.78 14.12
CA CYS A 1039 2.74 -43.59 14.32
C CYS A 1039 3.50 -42.56 15.15
N GLY A 1040 4.18 -43.01 16.20
CA GLY A 1040 4.99 -42.09 16.98
C GLY A 1040 6.07 -41.43 16.15
N ALA A 1041 6.76 -42.21 15.32
CA ALA A 1041 7.78 -41.64 14.46
C ALA A 1041 7.18 -40.61 13.51
N GLY A 1042 6.01 -40.92 12.95
CA GLY A 1042 5.36 -39.99 12.04
C GLY A 1042 5.00 -38.69 12.73
N ILE A 1043 4.46 -38.77 13.95
CA ILE A 1043 4.12 -37.56 14.70
C ILE A 1043 5.37 -36.72 14.91
N PHE A 1044 6.45 -37.37 15.39
CA PHE A 1044 7.66 -36.62 15.68
C PHE A 1044 8.22 -35.96 14.42
N LEU A 1045 8.22 -36.68 13.30
CA LEU A 1045 8.79 -36.11 12.10
C LEU A 1045 7.92 -35.00 11.51
N CYS A 1046 6.60 -35.10 11.66
CA CYS A 1046 5.74 -33.99 11.26
C CYS A 1046 6.09 -32.74 12.07
N LEU A 1047 6.24 -32.91 13.38
CA LEU A 1047 6.63 -31.80 14.24
C LEU A 1047 7.92 -31.15 13.72
N VAL A 1048 8.94 -31.98 13.50
CA VAL A 1048 10.25 -31.45 13.10
C VAL A 1048 10.16 -30.74 11.77
N THR A 1049 9.45 -31.33 10.81
CA THR A 1049 9.36 -30.73 9.47
C THR A 1049 8.71 -29.36 9.53
N SER A 1050 7.59 -29.25 10.25
CA SER A 1050 6.93 -27.96 10.36
C SER A 1050 7.87 -26.93 10.98
N LEU A 1051 8.51 -27.30 12.09
CA LEU A 1051 9.41 -26.36 12.75
C LEU A 1051 10.48 -25.88 11.79
N THR A 1052 11.14 -26.80 11.09
CA THR A 1052 12.27 -26.41 10.26
C THR A 1052 11.81 -25.49 9.12
N VAL A 1053 10.69 -25.81 8.47
CA VAL A 1053 10.29 -24.97 7.35
C VAL A 1053 9.98 -23.56 7.82
N GLU A 1054 9.25 -23.42 8.93
CA GLU A 1054 8.92 -22.08 9.39
C GLU A 1054 10.17 -21.32 9.83
N TRP A 1055 11.12 -22.02 10.47
CA TRP A 1055 12.36 -21.35 10.88
C TRP A 1055 13.13 -20.85 9.66
N MET A 1056 13.19 -21.66 8.60
CA MET A 1056 13.85 -21.19 7.39
C MET A 1056 13.16 -19.96 6.84
N GLY A 1057 11.82 -19.96 6.84
CA GLY A 1057 11.11 -18.80 6.35
C GLY A 1057 11.47 -17.53 7.12
N LEU A 1058 11.48 -17.62 8.45
CA LEU A 1058 11.81 -16.45 9.27
C LEU A 1058 13.22 -15.97 8.98
N THR A 1059 14.18 -16.89 8.93
CA THR A 1059 15.56 -16.49 8.69
C THR A 1059 15.67 -15.77 7.35
N ALA A 1060 15.04 -16.31 6.32
CA ALA A 1060 15.12 -15.69 5.00
C ALA A 1060 14.53 -14.29 5.03
N ALA A 1061 13.35 -14.14 5.66
CA ALA A 1061 12.72 -12.83 5.69
C ALA A 1061 13.62 -11.79 6.36
N LYS A 1062 14.15 -12.13 7.54
CA LYS A 1062 14.99 -11.17 8.25
C LYS A 1062 16.21 -10.81 7.44
N ASN A 1063 16.91 -11.83 6.92
CA ASN A 1063 18.15 -11.58 6.21
C ASN A 1063 17.92 -10.70 4.99
N LEU A 1064 16.85 -10.94 4.25
CA LEU A 1064 16.58 -10.11 3.10
C LEU A 1064 16.30 -8.67 3.51
N HIS A 1065 15.35 -8.47 4.44
CA HIS A 1065 14.89 -7.11 4.69
C HIS A 1065 15.98 -6.23 5.30
N HIS A 1066 16.79 -6.79 6.20
CA HIS A 1066 17.81 -5.98 6.85
C HIS A 1066 18.70 -5.27 5.82
N ASN A 1067 19.41 -6.07 5.02
CA ASN A 1067 20.28 -5.50 4.01
C ASN A 1067 19.50 -4.67 3.01
N LEU A 1068 18.25 -5.05 2.70
CA LEU A 1068 17.49 -4.25 1.75
C LEU A 1068 17.38 -2.81 2.22
N LEU A 1069 16.92 -2.61 3.45
CA LEU A 1069 16.74 -1.25 3.93
C LEU A 1069 18.07 -0.52 4.05
N ASN A 1070 19.10 -1.20 4.54
CA ASN A 1070 20.39 -0.53 4.67
C ASN A 1070 20.88 -0.04 3.31
N LYS A 1071 20.81 -0.89 2.30
CA LYS A 1071 21.29 -0.51 0.98
C LYS A 1071 20.46 0.64 0.41
N ILE A 1072 19.14 0.58 0.58
CA ILE A 1072 18.31 1.65 0.03
C ILE A 1072 18.68 2.98 0.66
N ILE A 1073 18.84 3.01 1.98
CA ILE A 1073 19.17 4.29 2.62
C ILE A 1073 20.54 4.77 2.17
N LEU A 1074 21.48 3.85 1.95
CA LEU A 1074 22.82 4.25 1.57
C LEU A 1074 22.93 4.75 0.13
N GLY A 1075 21.87 4.64 -0.67
CA GLY A 1075 21.93 5.03 -2.06
C GLY A 1075 22.21 6.52 -2.23
N PRO A 1076 22.26 6.97 -3.48
CA PRO A 1076 22.46 8.39 -3.75
C PRO A 1076 21.14 9.13 -3.88
N ILE A 1077 21.23 10.46 -3.78
CA ILE A 1077 20.02 11.28 -3.75
C ILE A 1077 19.28 11.21 -5.09
N ARG A 1078 20.02 11.26 -6.20
CA ARG A 1078 19.36 11.29 -7.50
C ARG A 1078 18.46 10.08 -7.69
N PHE A 1079 18.82 8.94 -7.09
CA PHE A 1079 17.96 7.77 -7.17
C PHE A 1079 16.56 8.10 -6.66
N PHE A 1080 16.47 8.72 -5.50
CA PHE A 1080 15.17 9.14 -4.99
C PHE A 1080 14.58 10.25 -5.84
N ASP A 1081 15.43 11.10 -6.42
CA ASP A 1081 14.93 12.21 -7.22
C ASP A 1081 14.14 11.71 -8.43
N THR A 1082 14.65 10.69 -9.11
CA THR A 1082 14.03 10.22 -10.35
C THR A 1082 13.05 9.08 -10.10
N THR A 1083 13.50 8.01 -9.45
CA THR A 1083 12.67 6.83 -9.28
C THR A 1083 11.40 7.20 -8.53
N PRO A 1084 10.21 6.83 -9.04
CA PRO A 1084 8.99 7.15 -8.31
C PRO A 1084 9.00 6.51 -6.94
N LEU A 1085 8.48 7.25 -5.95
CA LEU A 1085 8.43 6.73 -4.60
C LEU A 1085 7.53 5.50 -4.49
N GLY A 1086 6.63 5.32 -5.46
CA GLY A 1086 5.76 4.16 -5.40
C GLY A 1086 6.53 2.86 -5.42
N LEU A 1087 7.47 2.73 -6.36
CA LEU A 1087 8.25 1.50 -6.44
C LEU A 1087 9.11 1.30 -5.20
N ILE A 1088 9.79 2.35 -4.75
CA ILE A 1088 10.67 2.23 -3.60
C ILE A 1088 9.88 1.75 -2.39
N LEU A 1089 8.76 2.41 -2.10
CA LEU A 1089 7.99 2.01 -0.93
C LEU A 1089 7.26 0.70 -1.14
N ASN A 1090 7.04 0.29 -2.40
CA ASN A 1090 6.47 -1.01 -2.65
C ASN A 1090 7.47 -2.12 -2.35
N ARG A 1091 8.76 -1.84 -2.54
CA ARG A 1091 9.77 -2.84 -2.19
C ARG A 1091 9.66 -3.24 -0.71
N PHE A 1092 9.17 -2.35 0.13
CA PHE A 1092 9.03 -2.64 1.56
C PHE A 1092 7.61 -3.00 1.97
N SER A 1093 6.61 -2.45 1.29
CA SER A 1093 5.23 -2.64 1.74
C SER A 1093 4.70 -4.02 1.36
N ALA A 1094 4.66 -4.31 0.05
CA ALA A 1094 4.08 -5.56 -0.42
C ALA A 1094 5.12 -6.66 -0.53
N ASP A 1095 6.25 -6.38 -1.17
CA ASP A 1095 7.24 -7.43 -1.41
C ASP A 1095 7.74 -8.02 -0.10
N THR A 1096 8.09 -7.17 0.87
CA THR A 1096 8.54 -7.69 2.15
C THR A 1096 7.42 -8.43 2.86
N ASN A 1097 6.18 -7.94 2.72
CA ASN A 1097 5.04 -8.67 3.28
C ASN A 1097 4.94 -10.05 2.65
N ILE A 1098 5.07 -10.13 1.33
CA ILE A 1098 5.02 -11.43 0.67
C ILE A 1098 6.10 -12.35 1.22
N ILE A 1099 7.34 -11.86 1.25
CA ILE A 1099 8.45 -12.71 1.67
C ILE A 1099 8.25 -13.17 3.12
N ASP A 1100 7.71 -12.30 3.97
CA ASP A 1100 7.58 -12.64 5.37
C ASP A 1100 6.45 -13.62 5.63
N GLN A 1101 5.32 -13.46 4.93
CA GLN A 1101 4.11 -14.21 5.28
C GLN A 1101 3.69 -15.23 4.24
N HIS A 1102 3.69 -14.88 2.95
CA HIS A 1102 3.06 -15.73 1.94
C HIS A 1102 3.98 -16.84 1.44
N ILE A 1103 5.27 -16.57 1.29
CA ILE A 1103 6.15 -17.56 0.67
C ILE A 1103 6.26 -18.80 1.58
N PRO A 1104 6.83 -18.70 2.78
CA PRO A 1104 7.11 -19.92 3.56
C PRO A 1104 5.93 -20.87 3.58
N PRO A 1105 4.71 -20.38 3.80
CA PRO A 1105 3.55 -21.29 3.69
C PRO A 1105 3.42 -21.92 2.32
N THR A 1106 3.59 -21.15 1.24
CA THR A 1106 3.45 -21.71 -0.09
C THR A 1106 4.54 -22.73 -0.37
N LEU A 1107 5.77 -22.45 0.04
CA LEU A 1107 6.85 -23.41 -0.16
C LEU A 1107 6.60 -24.69 0.61
N GLU A 1108 6.11 -24.57 1.86
CA GLU A 1108 5.79 -25.76 2.62
C GLU A 1108 4.70 -26.57 1.94
N SER A 1109 3.65 -25.89 1.48
CA SER A 1109 2.56 -26.59 0.81
C SER A 1109 3.05 -27.28 -0.46
N LEU A 1110 3.90 -26.60 -1.22
CA LEU A 1110 4.44 -27.21 -2.43
C LEU A 1110 5.24 -28.45 -2.11
N THR A 1111 6.13 -28.36 -1.12
CA THR A 1111 6.95 -29.52 -0.79
C THR A 1111 6.09 -30.68 -0.31
N ARG A 1112 5.14 -30.41 0.58
CA ARG A 1112 4.31 -31.49 1.09
C ARG A 1112 3.47 -32.12 -0.02
N SER A 1113 2.86 -31.31 -0.88
CA SER A 1113 2.04 -31.86 -1.95
C SER A 1113 2.88 -32.63 -2.95
N THR A 1114 4.05 -32.13 -3.31
CA THR A 1114 4.90 -32.85 -4.25
C THR A 1114 5.33 -34.19 -3.66
N LEU A 1115 5.71 -34.20 -2.38
CA LEU A 1115 6.12 -35.46 -1.77
C LEU A 1115 4.96 -36.44 -1.73
N LEU A 1116 3.76 -35.97 -1.37
CA LEU A 1116 2.62 -36.88 -1.32
C LEU A 1116 2.28 -37.42 -2.70
N CYS A 1117 2.31 -36.57 -3.72
CA CYS A 1117 2.03 -37.05 -5.07
C CYS A 1117 3.07 -38.07 -5.51
N LEU A 1118 4.35 -37.80 -5.27
CA LEU A 1118 5.38 -38.76 -5.66
C LEU A 1118 5.23 -40.07 -4.91
N SER A 1119 4.94 -40.01 -3.60
CA SER A 1119 4.76 -41.22 -2.84
C SER A 1119 3.58 -42.02 -3.36
N ALA A 1120 2.47 -41.34 -3.69
CA ALA A 1120 1.31 -42.05 -4.21
C ALA A 1120 1.61 -42.68 -5.55
N ILE A 1121 2.31 -41.98 -6.44
CA ILE A 1121 2.68 -42.57 -7.73
C ILE A 1121 3.54 -43.80 -7.51
N GLY A 1122 4.53 -43.69 -6.62
CA GLY A 1122 5.39 -44.82 -6.36
C GLY A 1122 4.63 -46.01 -5.81
N MET A 1123 3.77 -45.76 -4.83
CA MET A 1123 3.04 -46.87 -4.22
C MET A 1123 2.10 -47.53 -5.21
N ILE A 1124 1.41 -46.73 -6.03
CA ILE A 1124 0.51 -47.29 -7.03
C ILE A 1124 1.30 -48.14 -8.02
N SER A 1125 2.45 -47.64 -8.48
CA SER A 1125 3.26 -48.42 -9.40
C SER A 1125 3.72 -49.71 -8.76
N TYR A 1126 4.13 -49.65 -7.49
CA TYR A 1126 4.60 -50.84 -6.81
C TYR A 1126 3.49 -51.88 -6.69
N ALA A 1127 2.28 -51.44 -6.33
CA ALA A 1127 1.18 -52.38 -6.19
C ALA A 1127 0.85 -53.05 -7.51
N THR A 1128 0.77 -52.28 -8.59
CA THR A 1128 0.40 -52.79 -9.91
C THR A 1128 1.35 -52.22 -10.94
N PRO A 1129 2.55 -52.80 -11.06
CA PRO A 1129 3.56 -52.24 -11.98
C PRO A 1129 3.03 -51.94 -13.37
N VAL A 1130 1.94 -52.59 -13.77
CA VAL A 1130 1.34 -52.29 -15.06
C VAL A 1130 0.89 -50.84 -15.13
N PHE A 1131 0.63 -50.21 -13.98
CA PHE A 1131 0.16 -48.83 -13.98
C PHE A 1131 1.16 -47.89 -14.67
N LEU A 1132 2.44 -48.26 -14.70
CA LEU A 1132 3.42 -47.40 -15.34
C LEU A 1132 3.09 -47.19 -16.81
N ILE A 1133 2.49 -48.18 -17.46
CA ILE A 1133 2.15 -48.03 -18.88
C ILE A 1133 1.20 -46.85 -19.07
N ALA A 1134 0.19 -46.75 -18.22
CA ALA A 1134 -0.74 -45.63 -18.29
C ALA A 1134 -0.17 -44.37 -17.65
N LEU A 1135 0.91 -44.48 -16.88
CA LEU A 1135 1.51 -43.28 -16.30
C LEU A 1135 2.00 -42.33 -17.39
N ALA A 1136 2.52 -42.87 -18.49
CA ALA A 1136 3.11 -42.02 -19.52
C ALA A 1136 2.10 -41.05 -20.12
N PRO A 1137 0.96 -41.48 -20.65
CA PRO A 1137 -0.01 -40.51 -21.16
C PRO A 1137 -0.48 -39.53 -20.10
N LEU A 1138 -0.69 -40.02 -18.88
CA LEU A 1138 -1.07 -39.12 -17.80
C LEU A 1138 0.05 -38.14 -17.49
N GLY A 1139 1.29 -38.61 -17.52
CA GLY A 1139 2.42 -37.70 -17.32
C GLY A 1139 2.46 -36.60 -18.37
N VAL A 1140 2.27 -36.96 -19.63
CA VAL A 1140 2.28 -35.96 -20.70
C VAL A 1140 1.15 -34.97 -20.50
N ALA A 1141 -0.05 -35.47 -20.19
CA ALA A 1141 -1.18 -34.57 -20.01
C ALA A 1141 -0.93 -33.61 -18.86
N PHE A 1142 -0.38 -34.11 -17.75
CA PHE A 1142 -0.08 -33.23 -16.64
C PHE A 1142 0.98 -32.23 -17.00
N TYR A 1143 1.98 -32.64 -17.78
CA TYR A 1143 3.02 -31.70 -18.18
C TYR A 1143 2.43 -30.56 -18.99
N PHE A 1144 1.54 -30.88 -19.93
CA PHE A 1144 0.93 -29.82 -20.74
C PHE A 1144 0.06 -28.91 -19.90
N ILE A 1145 -0.74 -29.48 -19.00
CA ILE A 1145 -1.57 -28.64 -18.14
C ILE A 1145 -0.69 -27.72 -17.29
N GLN A 1146 0.36 -28.28 -16.69
CA GLN A 1146 1.28 -27.48 -15.91
C GLN A 1146 1.87 -26.36 -16.74
N LYS A 1147 2.37 -26.69 -17.93
CA LYS A 1147 3.02 -25.69 -18.76
C LYS A 1147 2.08 -24.54 -19.06
N TYR A 1148 0.87 -24.84 -19.54
CA TYR A 1148 -0.01 -23.76 -19.97
C TYR A 1148 -0.54 -22.96 -18.79
N PHE A 1149 -0.87 -23.64 -17.68
CA PHE A 1149 -1.41 -22.90 -16.56
C PHE A 1149 -0.34 -22.05 -15.89
N ARG A 1150 0.89 -22.54 -15.76
CA ARG A 1150 1.90 -21.78 -15.05
C ARG A 1150 2.22 -20.47 -15.73
N VAL A 1151 1.84 -20.31 -16.99
CA VAL A 1151 1.99 -19.03 -17.69
C VAL A 1151 0.69 -18.24 -17.66
N ALA A 1152 -0.44 -18.90 -17.92
CA ALA A 1152 -1.71 -18.17 -17.91
C ALA A 1152 -1.98 -17.56 -16.53
N SER A 1153 -1.75 -18.33 -15.46
CA SER A 1153 -1.92 -17.79 -14.13
C SER A 1153 -1.01 -16.59 -13.91
N LYS A 1154 0.31 -16.81 -13.96
CA LYS A 1154 1.26 -15.72 -13.80
C LYS A 1154 0.76 -14.46 -14.49
N ASP A 1155 0.33 -14.58 -15.74
CA ASP A 1155 -0.15 -13.41 -16.48
C ASP A 1155 -1.39 -12.82 -15.82
N LEU A 1156 -2.34 -13.66 -15.43
CA LEU A 1156 -3.59 -13.13 -14.88
C LEU A 1156 -3.36 -12.47 -13.53
N GLN A 1157 -2.47 -13.02 -12.71
CA GLN A 1157 -2.11 -12.37 -11.45
C GLN A 1157 -1.42 -11.04 -11.71
N GLU A 1158 -0.54 -11.00 -12.72
CA GLU A 1158 0.04 -9.73 -13.12
C GLU A 1158 -1.04 -8.70 -13.40
N LEU A 1159 -2.04 -9.09 -14.22
CA LEU A 1159 -3.12 -8.17 -14.54
C LEU A 1159 -3.90 -7.78 -13.29
N ASP A 1160 -4.19 -8.75 -12.43
CA ASP A 1160 -4.96 -8.46 -11.22
C ASP A 1160 -4.27 -7.39 -10.39
N ASP A 1161 -2.99 -7.57 -10.11
CA ASP A 1161 -2.29 -6.59 -9.28
C ASP A 1161 -2.17 -5.24 -10.01
N SER A 1162 -1.80 -5.26 -11.29
CA SER A 1162 -1.60 -4.01 -12.01
C SER A 1162 -2.88 -3.21 -12.14
N THR A 1163 -4.03 -3.89 -12.11
CA THR A 1163 -5.32 -3.21 -12.19
C THR A 1163 -5.93 -2.95 -10.83
N GLN A 1164 -5.45 -3.60 -9.77
CA GLN A 1164 -5.91 -3.29 -8.43
C GLN A 1164 -5.17 -2.11 -7.83
N LEU A 1165 -3.96 -1.85 -8.28
CA LEU A 1165 -3.27 -0.64 -7.82
C LEU A 1165 -4.07 0.61 -8.15
N PRO A 1166 -4.46 0.87 -9.39
CA PRO A 1166 -5.21 2.10 -9.68
C PRO A 1166 -6.54 2.18 -8.96
N LEU A 1167 -7.20 1.07 -8.67
CA LEU A 1167 -8.48 1.14 -7.98
C LEU A 1167 -8.31 1.77 -6.59
N LEU A 1168 -7.40 1.23 -5.80
CA LEU A 1168 -7.17 1.78 -4.47
C LEU A 1168 -6.56 3.18 -4.56
N CYS A 1169 -5.73 3.44 -5.57
CA CYS A 1169 -5.25 4.80 -5.76
C CYS A 1169 -6.42 5.76 -5.96
N HIS A 1170 -7.39 5.36 -6.78
CA HIS A 1170 -8.54 6.21 -7.04
C HIS A 1170 -9.37 6.42 -5.78
N PHE A 1171 -9.60 5.36 -5.01
CA PHE A 1171 -10.37 5.51 -3.79
C PHE A 1171 -9.66 6.45 -2.81
N SER A 1172 -8.34 6.27 -2.65
CA SER A 1172 -7.61 7.12 -1.72
C SER A 1172 -7.63 8.57 -2.16
N GLU A 1173 -7.45 8.83 -3.46
CA GLU A 1173 -7.41 10.20 -3.95
C GLU A 1173 -8.80 10.81 -4.08
N THR A 1174 -9.86 10.01 -4.04
CA THR A 1174 -11.20 10.57 -3.94
C THR A 1174 -11.50 10.96 -2.51
N ALA A 1175 -11.31 10.03 -1.57
CA ALA A 1175 -11.53 10.38 -0.17
C ALA A 1175 -10.69 11.58 0.23
N GLU A 1176 -9.54 11.75 -0.41
CA GLU A 1176 -8.71 12.93 -0.23
C GLU A 1176 -9.22 14.04 -1.15
N GLY A 1177 -9.37 15.24 -0.60
CA GLY A 1177 -9.82 16.35 -1.41
C GLY A 1177 -11.25 16.22 -1.90
N LEU A 1178 -12.16 15.78 -1.04
CA LEU A 1178 -13.58 15.82 -1.38
C LEU A 1178 -13.99 17.22 -1.82
N THR A 1179 -13.41 18.24 -1.19
CA THR A 1179 -13.82 19.61 -1.49
C THR A 1179 -13.59 19.95 -2.94
N THR A 1180 -12.43 19.59 -3.49
CA THR A 1180 -12.17 19.84 -4.90
C THR A 1180 -13.18 19.10 -5.78
N ILE A 1181 -13.43 17.83 -5.47
CA ILE A 1181 -14.33 17.02 -6.28
C ILE A 1181 -15.69 17.69 -6.35
N ARG A 1182 -16.23 18.06 -5.19
CA ARG A 1182 -17.59 18.60 -5.16
C ARG A 1182 -17.65 20.07 -5.50
N ALA A 1183 -16.51 20.75 -5.59
CA ALA A 1183 -16.50 22.13 -6.04
C ALA A 1183 -16.45 22.21 -7.55
N PHE A 1184 -15.71 21.30 -8.18
CA PHE A 1184 -15.75 21.22 -9.63
C PHE A 1184 -17.04 20.61 -10.15
N ARG A 1185 -17.79 19.97 -9.26
CA ARG A 1185 -19.03 19.25 -9.57
C ARG A 1185 -18.76 18.11 -10.54
N HIS A 1186 -17.65 17.42 -10.31
CA HIS A 1186 -17.22 16.26 -11.09
C HIS A 1186 -17.49 14.96 -10.35
N GLU A 1187 -18.54 14.93 -9.53
CA GLU A 1187 -18.86 13.70 -8.82
C GLU A 1187 -19.20 12.59 -9.81
N THR A 1188 -20.02 12.88 -10.80
CA THR A 1188 -20.47 11.85 -11.73
C THR A 1188 -19.30 11.25 -12.51
N ARG A 1189 -18.38 12.10 -12.96
CA ARG A 1189 -17.24 11.59 -13.71
C ARG A 1189 -16.40 10.64 -12.85
N PHE A 1190 -16.21 10.99 -11.58
CA PHE A 1190 -15.44 10.12 -10.70
C PHE A 1190 -16.20 8.83 -10.39
N LYS A 1191 -17.52 8.89 -10.28
CA LYS A 1191 -18.28 7.66 -10.12
C LYS A 1191 -18.10 6.76 -11.34
N GLN A 1192 -18.18 7.35 -12.54
CA GLN A 1192 -18.02 6.54 -13.75
C GLN A 1192 -16.62 5.93 -13.80
N ARG A 1193 -15.61 6.71 -13.42
CA ARG A 1193 -14.26 6.16 -13.41
C ARG A 1193 -14.12 5.04 -12.38
N MET A 1194 -14.74 5.20 -11.22
CA MET A 1194 -14.69 4.13 -10.23
C MET A 1194 -15.33 2.86 -10.77
N LEU A 1195 -16.48 2.99 -11.43
CA LEU A 1195 -17.12 1.82 -12.01
C LEU A 1195 -16.22 1.19 -13.08
N GLU A 1196 -15.62 2.03 -13.92
CA GLU A 1196 -14.79 1.52 -15.00
C GLU A 1196 -13.52 0.87 -14.49
N LEU A 1197 -13.07 1.22 -13.29
CA LEU A 1197 -11.90 0.57 -12.71
C LEU A 1197 -12.28 -0.70 -11.94
N THR A 1198 -13.36 -0.65 -11.18
CA THR A 1198 -13.77 -1.83 -10.44
C THR A 1198 -14.20 -2.94 -11.37
N ASP A 1199 -14.83 -2.60 -12.51
CA ASP A 1199 -15.16 -3.62 -13.48
C ASP A 1199 -13.91 -4.29 -14.02
N THR A 1200 -12.89 -3.52 -14.34
CA THR A 1200 -11.65 -4.10 -14.86
C THR A 1200 -11.00 -5.00 -13.82
N ASN A 1201 -10.92 -4.52 -12.59
CA ASN A 1201 -10.30 -5.34 -11.55
C ASN A 1201 -11.09 -6.63 -11.33
N ASN A 1202 -12.42 -6.53 -11.32
CA ASN A 1202 -13.24 -7.72 -11.11
C ASN A 1202 -13.11 -8.67 -12.28
N ILE A 1203 -12.98 -8.16 -13.51
CA ILE A 1203 -12.76 -9.05 -14.65
C ILE A 1203 -11.46 -9.81 -14.46
N ALA A 1204 -10.39 -9.10 -14.10
CA ALA A 1204 -9.11 -9.77 -13.93
C ALA A 1204 -9.19 -10.83 -12.85
N TYR A 1205 -9.80 -10.49 -11.70
CA TYR A 1205 -9.90 -11.46 -10.62
C TYR A 1205 -10.78 -12.64 -11.02
N LEU A 1206 -11.89 -12.36 -11.70
CA LEU A 1206 -12.81 -13.41 -12.09
C LEU A 1206 -12.16 -14.37 -13.07
N PHE A 1207 -11.36 -13.85 -14.00
CA PHE A 1207 -10.70 -14.75 -14.92
C PHE A 1207 -9.54 -15.48 -14.27
N LEU A 1208 -8.92 -14.89 -13.24
CA LEU A 1208 -7.97 -15.66 -12.45
C LEU A 1208 -8.66 -16.86 -11.81
N SER A 1209 -9.82 -16.62 -11.20
CA SER A 1209 -10.56 -17.74 -10.60
C SER A 1209 -11.03 -18.72 -11.66
N ALA A 1210 -11.38 -18.25 -12.85
CA ALA A 1210 -11.77 -19.15 -13.91
C ALA A 1210 -10.60 -20.03 -14.33
N ALA A 1211 -9.39 -19.46 -14.38
CA ALA A 1211 -8.22 -20.28 -14.67
C ALA A 1211 -7.99 -21.31 -13.58
N ASN A 1212 -8.18 -20.92 -12.32
CA ASN A 1212 -8.03 -21.89 -11.24
C ASN A 1212 -9.02 -23.03 -11.41
N ARG A 1213 -10.28 -22.72 -11.74
CA ARG A 1213 -11.28 -23.76 -11.95
C ARG A 1213 -10.93 -24.62 -13.16
N TRP A 1214 -10.42 -24.00 -14.22
CA TRP A 1214 -9.99 -24.75 -15.39
C TRP A 1214 -8.95 -25.79 -15.00
N LEU A 1215 -7.90 -25.34 -14.32
CA LEU A 1215 -6.86 -26.27 -13.91
C LEU A 1215 -7.42 -27.34 -12.97
N GLU A 1216 -8.26 -26.94 -12.02
CA GLU A 1216 -8.78 -27.92 -11.07
C GLU A 1216 -9.61 -28.98 -11.77
N VAL A 1217 -10.44 -28.58 -12.73
CA VAL A 1217 -11.27 -29.55 -13.43
C VAL A 1217 -10.42 -30.47 -14.29
N ARG A 1218 -9.47 -29.92 -15.03
CA ARG A 1218 -8.64 -30.77 -15.88
C ARG A 1218 -7.82 -31.74 -15.04
N THR A 1219 -7.27 -31.26 -13.93
CA THR A 1219 -6.51 -32.15 -13.05
C THR A 1219 -7.42 -33.16 -12.36
N ASP A 1220 -8.66 -32.80 -12.07
CA ASP A 1220 -9.58 -33.77 -11.48
C ASP A 1220 -9.94 -34.86 -12.47
N TYR A 1221 -10.11 -34.51 -13.74
CA TYR A 1221 -10.33 -35.55 -14.75
C TYR A 1221 -9.08 -36.40 -14.94
N LEU A 1222 -7.90 -35.79 -14.90
CA LEU A 1222 -6.67 -36.56 -14.95
C LEU A 1222 -6.61 -37.56 -13.79
N GLY A 1223 -6.94 -37.09 -12.59
CA GLY A 1223 -6.94 -37.96 -11.43
C GLY A 1223 -8.00 -39.03 -11.51
N ALA A 1224 -9.16 -38.73 -12.09
CA ALA A 1224 -10.17 -39.76 -12.28
C ALA A 1224 -9.67 -40.82 -13.24
N CYS A 1225 -8.96 -40.42 -14.29
CA CYS A 1225 -8.34 -41.40 -15.17
C CYS A 1225 -7.32 -42.24 -14.41
N ILE A 1226 -6.54 -41.60 -13.53
CA ILE A 1226 -5.59 -42.37 -12.72
C ILE A 1226 -6.31 -43.38 -11.85
N VAL A 1227 -7.40 -42.97 -11.21
CA VAL A 1227 -8.14 -43.89 -10.35
C VAL A 1227 -8.68 -45.05 -11.16
N LEU A 1228 -9.25 -44.75 -12.33
CA LEU A 1228 -9.79 -45.81 -13.16
C LEU A 1228 -8.70 -46.80 -13.57
N THR A 1229 -7.56 -46.29 -14.02
CA THR A 1229 -6.50 -47.20 -14.48
C THR A 1229 -5.91 -48.00 -13.34
N ALA A 1230 -5.70 -47.36 -12.18
CA ALA A 1230 -5.20 -48.10 -11.03
C ALA A 1230 -6.18 -49.19 -10.62
N SER A 1231 -7.48 -48.87 -10.62
CA SER A 1231 -8.47 -49.88 -10.26
C SER A 1231 -8.46 -51.04 -11.24
N ILE A 1232 -8.47 -50.73 -12.55
CA ILE A 1232 -8.51 -51.78 -13.55
C ILE A 1232 -7.27 -52.67 -13.43
N ALA A 1233 -6.10 -52.05 -13.21
CA ALA A 1233 -4.90 -52.83 -13.00
C ALA A 1233 -5.03 -53.71 -11.77
N SER A 1234 -5.56 -53.17 -10.68
CA SER A 1234 -5.67 -53.93 -9.44
C SER A 1234 -6.56 -55.15 -9.63
N ILE A 1235 -7.66 -55.00 -10.39
CA ILE A 1235 -8.54 -56.14 -10.62
C ILE A 1235 -7.78 -57.28 -11.27
N SER A 1236 -6.97 -56.96 -12.27
CA SER A 1236 -6.18 -57.98 -12.96
C SER A 1236 -4.81 -58.12 -12.32
N SER A 1241 -3.25 -58.89 -0.97
CA SER A 1241 -4.63 -58.50 -1.19
C SER A 1241 -4.91 -57.10 -0.67
N GLY A 1242 -4.12 -56.67 0.31
CA GLY A 1242 -4.23 -55.30 0.78
C GLY A 1242 -3.60 -54.28 -0.15
N LEU A 1243 -2.70 -54.72 -1.02
CA LEU A 1243 -2.03 -53.79 -1.92
C LEU A 1243 -3.00 -53.13 -2.87
N VAL A 1244 -4.03 -53.85 -3.31
CA VAL A 1244 -5.03 -53.22 -4.18
C VAL A 1244 -5.71 -52.08 -3.44
N GLY A 1245 -6.09 -52.31 -2.19
CA GLY A 1245 -6.70 -51.25 -1.41
C GLY A 1245 -5.77 -50.07 -1.22
N LEU A 1246 -4.50 -50.34 -0.92
CA LEU A 1246 -3.55 -49.26 -0.74
C LEU A 1246 -3.37 -48.46 -2.02
N GLY A 1247 -3.26 -49.14 -3.15
CA GLY A 1247 -3.13 -48.46 -4.41
C GLY A 1247 -4.35 -47.60 -4.71
N LEU A 1248 -5.55 -48.13 -4.46
CA LEU A 1248 -6.75 -47.34 -4.69
C LEU A 1248 -6.79 -46.11 -3.78
N LEU A 1249 -6.40 -46.27 -2.52
CA LEU A 1249 -6.40 -45.15 -1.59
C LEU A 1249 -5.46 -44.05 -2.09
N TYR A 1250 -4.24 -44.42 -2.49
CA TYR A 1250 -3.32 -43.40 -2.95
C TYR A 1250 -3.75 -42.82 -4.28
N ALA A 1251 -4.42 -43.61 -5.12
CA ALA A 1251 -4.97 -43.07 -6.35
C ALA A 1251 -6.01 -42.00 -6.04
N LEU A 1252 -6.85 -42.24 -5.02
CA LEU A 1252 -7.80 -41.22 -4.63
C LEU A 1252 -7.10 -39.96 -4.14
N THR A 1253 -6.06 -40.12 -3.31
CA THR A 1253 -5.40 -38.93 -2.77
C THR A 1253 -4.66 -38.13 -3.84
N ILE A 1254 -4.19 -38.80 -4.90
CA ILE A 1254 -3.52 -38.07 -5.97
C ILE A 1254 -4.45 -37.02 -6.56
N THR A 1255 -5.72 -37.35 -6.71
CA THR A 1255 -6.66 -36.39 -7.28
C THR A 1255 -6.72 -35.14 -6.42
N ASN A 1256 -6.67 -35.29 -5.11
CA ASN A 1256 -6.69 -34.13 -4.22
C ASN A 1256 -5.41 -33.32 -4.35
N TYR A 1257 -4.27 -33.99 -4.45
CA TYR A 1257 -3.00 -33.29 -4.28
C TYR A 1257 -2.40 -32.75 -5.57
N LEU A 1258 -2.81 -33.26 -6.74
CA LEU A 1258 -2.16 -32.84 -7.97
C LEU A 1258 -2.39 -31.36 -8.26
N ASN A 1259 -3.65 -30.92 -8.24
CA ASN A 1259 -3.93 -29.54 -8.58
C ASN A 1259 -3.31 -28.60 -7.56
N TRP A 1260 -3.17 -29.05 -6.31
CA TRP A 1260 -2.49 -28.23 -5.32
C TRP A 1260 -1.01 -28.12 -5.61
N VAL A 1261 -0.38 -29.20 -6.08
CA VAL A 1261 1.01 -29.10 -6.51
C VAL A 1261 1.13 -28.01 -7.56
N VAL A 1262 0.25 -28.05 -8.56
CA VAL A 1262 0.37 -27.10 -9.67
C VAL A 1262 0.14 -25.68 -9.20
N ARG A 1263 -0.93 -25.46 -8.44
CA ARG A 1263 -1.24 -24.10 -8.00
C ARG A 1263 -0.17 -23.55 -7.07
N ASN A 1264 0.33 -24.37 -6.14
CA ASN A 1264 1.39 -23.91 -5.26
C ASN A 1264 2.64 -23.58 -6.06
N LEU A 1265 2.95 -24.36 -7.09
CA LEU A 1265 4.11 -24.05 -7.90
C LEU A 1265 3.93 -22.71 -8.61
N ALA A 1266 2.74 -22.46 -9.14
CA ALA A 1266 2.50 -21.18 -9.81
C ALA A 1266 2.66 -20.01 -8.83
N ASP A 1267 2.06 -20.14 -7.66
CA ASP A 1267 2.16 -19.06 -6.66
C ASP A 1267 3.60 -18.88 -6.22
N LEU A 1268 4.34 -19.97 -6.06
CA LEU A 1268 5.75 -19.86 -5.68
C LEU A 1268 6.53 -19.10 -6.73
N GLU A 1269 6.28 -19.37 -8.00
CA GLU A 1269 6.96 -18.62 -9.05
C GLU A 1269 6.63 -17.14 -8.95
N VAL A 1270 5.34 -16.82 -8.81
CA VAL A 1270 4.94 -15.42 -8.77
C VAL A 1270 5.61 -14.70 -7.61
N GLN A 1271 5.67 -15.35 -6.45
CA GLN A 1271 6.23 -14.69 -5.26
C GLN A 1271 7.75 -14.63 -5.31
N MET A 1272 8.40 -15.66 -5.84
CA MET A 1272 9.83 -15.57 -6.06
C MET A 1272 10.16 -14.45 -7.01
N GLY A 1273 9.20 -14.05 -7.86
CA GLY A 1273 9.39 -12.81 -8.59
C GLY A 1273 9.61 -11.61 -7.68
N ALA A 1274 8.80 -11.50 -6.62
CA ALA A 1274 8.97 -10.41 -5.66
C ALA A 1274 10.29 -10.54 -4.93
N VAL A 1275 10.67 -11.75 -4.56
CA VAL A 1275 11.98 -11.94 -3.95
C VAL A 1275 13.08 -11.46 -4.88
N LYS A 1276 12.93 -11.73 -6.18
CA LYS A 1276 13.92 -11.29 -7.14
C LYS A 1276 13.99 -9.77 -7.21
N LYS A 1277 12.84 -9.11 -7.16
CA LYS A 1277 12.84 -7.65 -7.16
C LYS A 1277 13.58 -7.10 -5.94
N VAL A 1278 13.28 -7.66 -4.77
CA VAL A 1278 13.96 -7.20 -3.56
C VAL A 1278 15.46 -7.44 -3.68
N ASN A 1279 15.85 -8.62 -4.19
CA ASN A 1279 17.26 -8.93 -4.33
C ASN A 1279 17.95 -7.97 -5.28
N SER A 1280 17.29 -7.62 -6.38
CA SER A 1280 17.88 -6.66 -7.31
C SER A 1280 18.07 -5.32 -6.63
N PHE A 1281 17.08 -4.88 -5.84
CA PHE A 1281 17.26 -3.64 -5.09
C PHE A 1281 18.37 -3.78 -4.05
N LEU A 1282 18.67 -5.00 -3.61
CA LEU A 1282 19.72 -5.18 -2.62
C LEU A 1282 21.08 -4.79 -3.17
N THR A 1283 21.24 -4.80 -4.49
CA THR A 1283 22.51 -4.43 -5.13
C THR A 1283 22.29 -3.12 -5.86
N MET A 1284 22.81 -2.03 -5.29
CA MET A 1284 22.60 -0.70 -5.81
C MET A 1284 23.82 0.14 -5.54
N GLU A 1285 23.94 1.25 -6.27
CA GLU A 1285 25.08 2.14 -6.12
C GLU A 1285 25.10 2.74 -4.72
N SER A 1286 26.12 3.52 -4.42
CA SER A 1286 26.22 4.20 -3.13
C SER A 1286 27.16 5.39 -3.28
N GLU A 1287 27.56 5.96 -2.15
CA GLU A 1287 28.51 7.06 -2.13
C GLU A 1287 29.67 6.71 -1.20
N ASN A 1288 30.84 7.25 -1.52
CA ASN A 1288 32.08 6.89 -0.82
C ASN A 1288 32.13 7.66 0.50
N TYR A 1289 31.37 7.16 1.48
CA TYR A 1289 31.36 7.79 2.79
C TYR A 1289 32.74 7.78 3.43
N GLU A 1290 33.57 6.80 3.12
CA GLU A 1290 34.86 6.66 3.79
C GLU A 1290 35.74 7.87 3.53
N GLY A 1291 35.81 8.32 2.28
CA GLY A 1291 36.71 9.41 1.97
C GLY A 1291 38.17 8.96 2.02
N THR A 1292 39.06 9.95 2.09
CA THR A 1292 40.49 9.69 2.08
C THR A 1292 41.27 10.44 3.16
N MET A 1293 40.75 11.54 3.69
CA MET A 1293 41.51 12.32 4.66
C MET A 1293 41.81 11.50 5.90
N ASP A 1294 42.98 11.75 6.48
CA ASP A 1294 43.41 10.98 7.64
C ASP A 1294 42.41 11.19 8.79
N PRO A 1295 41.91 10.13 9.42
CA PRO A 1295 40.98 10.33 10.55
C PRO A 1295 41.57 11.19 11.65
N SER A 1296 42.87 11.05 11.93
CA SER A 1296 43.51 11.92 12.91
C SER A 1296 43.72 13.32 12.36
N GLN A 1297 43.75 13.47 11.03
CA GLN A 1297 43.96 14.78 10.44
C GLN A 1297 42.84 15.74 10.79
N VAL A 1298 41.60 15.25 10.79
CA VAL A 1298 40.47 16.13 11.08
C VAL A 1298 40.59 16.69 12.49
N PRO A 1299 40.39 17.98 12.72
CA PRO A 1299 40.45 18.51 14.09
C PRO A 1299 39.28 18.02 14.92
N GLU A 1300 39.38 18.25 16.24
CA GLU A 1300 38.28 17.94 17.13
C GLU A 1300 37.04 18.76 16.77
N HIS A 1301 37.23 20.05 16.52
CA HIS A 1301 36.17 20.95 16.09
C HIS A 1301 36.63 21.56 14.77
N TRP A 1302 36.32 20.87 13.67
CA TRP A 1302 36.83 21.28 12.36
C TRP A 1302 36.44 22.69 11.99
N PRO A 1303 35.18 23.12 12.08
CA PRO A 1303 34.81 24.49 11.74
C PRO A 1303 35.16 25.50 12.85
N GLN A 1304 36.38 25.40 13.37
CA GLN A 1304 36.78 26.29 14.45
C GLN A 1304 36.80 27.75 13.98
N GLU A 1305 37.36 28.00 12.81
CA GLU A 1305 37.46 29.36 12.29
C GLU A 1305 36.27 29.72 11.42
N GLY A 1306 35.72 28.77 10.68
CA GLY A 1306 34.59 29.02 9.81
C GLY A 1306 34.92 29.64 8.47
N GLU A 1307 36.17 29.60 8.05
CA GLU A 1307 36.57 30.16 6.77
C GLU A 1307 36.13 29.27 5.62
N ILE A 1308 35.71 29.91 4.53
CA ILE A 1308 35.30 29.21 3.31
C ILE A 1308 36.02 29.82 2.14
N LYS A 1309 36.61 28.97 1.29
CA LYS A 1309 37.30 29.41 0.08
C LYS A 1309 36.97 28.45 -1.04
N ILE A 1310 36.74 28.99 -2.23
CA ILE A 1310 36.33 28.21 -3.40
C ILE A 1310 37.22 28.61 -4.57
N HIS A 1311 37.34 27.72 -5.56
CA HIS A 1311 38.21 27.95 -6.71
C HIS A 1311 37.58 27.31 -7.94
N ASP A 1312 37.05 28.15 -8.84
CA ASP A 1312 36.55 27.71 -10.14
C ASP A 1312 35.63 26.50 -10.00
N LEU A 1313 34.68 26.60 -9.08
CA LEU A 1313 33.77 25.50 -8.82
C LEU A 1313 32.88 25.25 -10.03
N CYS A 1314 32.73 23.98 -10.40
CA CYS A 1314 31.85 23.56 -11.47
C CYS A 1314 31.03 22.38 -10.99
N VAL A 1315 29.72 22.45 -11.14
CA VAL A 1315 28.79 21.47 -10.58
C VAL A 1315 27.77 21.08 -11.63
N ARG A 1316 27.43 19.79 -11.67
CA ARG A 1316 26.37 19.28 -12.51
C ARG A 1316 25.60 18.21 -11.74
N TYR A 1317 24.27 18.28 -11.79
CA TYR A 1317 23.46 17.35 -11.01
C TYR A 1317 23.69 15.91 -11.47
N GLU A 1318 23.74 15.68 -12.77
CA GLU A 1318 23.94 14.35 -13.31
C GLU A 1318 24.96 14.42 -14.45
N ASN A 1319 25.69 13.32 -14.63
CA ASN A 1319 26.69 13.27 -15.68
C ASN A 1319 26.04 13.50 -17.04
N ASN A 1320 26.72 14.27 -17.89
CA ASN A 1320 26.28 14.61 -19.24
C ASN A 1320 25.20 15.67 -19.25
N LEU A 1321 24.96 16.37 -18.14
CA LEU A 1321 24.00 17.44 -18.08
C LEU A 1321 24.71 18.80 -18.06
N LYS A 1322 23.94 19.84 -18.32
CA LYS A 1322 24.51 21.18 -18.39
C LYS A 1322 25.03 21.59 -17.02
N PRO A 1323 26.27 22.07 -16.91
CA PRO A 1323 26.78 22.50 -15.60
C PRO A 1323 25.95 23.63 -15.02
N VAL A 1324 25.44 23.41 -13.81
CA VAL A 1324 24.63 24.43 -13.14
C VAL A 1324 25.51 25.60 -12.72
N LEU A 1325 26.71 25.33 -12.24
CA LEU A 1325 27.65 26.36 -11.81
C LEU A 1325 28.80 26.45 -12.81
N LYS A 1326 29.25 27.68 -13.06
CA LYS A 1326 30.25 27.95 -14.09
C LYS A 1326 31.47 28.60 -13.46
N HIS A 1327 32.38 27.78 -12.96
CA HIS A 1327 33.69 28.23 -12.50
C HIS A 1327 33.57 29.35 -11.48
N VAL A 1328 32.57 29.24 -10.58
CA VAL A 1328 32.38 30.27 -9.57
C VAL A 1328 33.51 30.18 -8.55
N LYS A 1329 34.14 31.32 -8.27
CA LYS A 1329 35.21 31.43 -7.30
C LYS A 1329 34.81 32.42 -6.22
N ALA A 1330 34.90 32.00 -4.97
CA ALA A 1330 34.48 32.84 -3.85
C ALA A 1330 35.25 32.45 -2.60
N TYR A 1331 35.43 33.44 -1.72
CA TYR A 1331 36.10 33.23 -0.44
C TYR A 1331 35.39 34.06 0.62
N ILE A 1332 35.19 33.47 1.79
CA ILE A 1332 34.52 34.12 2.90
C ILE A 1332 35.45 34.12 4.10
N LYS A 1333 35.68 35.31 4.67
CA LYS A 1333 36.50 35.40 5.87
C LYS A 1333 35.74 34.81 7.06
N PRO A 1334 36.46 34.39 8.10
CA PRO A 1334 35.80 33.71 9.21
C PRO A 1334 34.75 34.60 9.88
N GLY A 1335 33.64 33.98 10.28
CA GLY A 1335 32.60 34.69 10.98
C GLY A 1335 31.83 35.70 10.17
N GLN A 1336 32.06 35.75 8.85
CA GLN A 1336 31.35 36.71 8.03
C GLN A 1336 29.92 36.23 7.76
N LYS A 1337 29.08 37.16 7.33
CA LYS A 1337 27.68 36.90 7.04
C LYS A 1337 27.38 37.39 5.64
N VAL A 1338 27.08 36.46 4.72
CA VAL A 1338 26.85 36.77 3.33
C VAL A 1338 25.49 36.22 2.93
N GLY A 1339 24.73 37.02 2.19
CA GLY A 1339 23.43 36.61 1.68
C GLY A 1339 23.47 36.50 0.18
N ILE A 1340 22.78 35.50 -0.36
CA ILE A 1340 22.75 35.22 -1.79
C ILE A 1340 21.32 35.32 -2.28
N CYS A 1341 21.15 35.92 -3.46
CA CYS A 1341 19.85 36.02 -4.10
C CYS A 1341 20.02 35.81 -5.60
N GLY A 1342 18.90 35.89 -6.32
CA GLY A 1342 18.92 35.71 -7.76
C GLY A 1342 17.65 35.06 -8.23
N ARG A 1343 17.45 35.10 -9.54
CA ARG A 1343 16.26 34.53 -10.14
C ARG A 1343 16.23 33.02 -9.95
N THR A 1344 15.02 32.47 -9.96
CA THR A 1344 14.86 31.04 -9.79
C THR A 1344 15.60 30.29 -10.88
N GLY A 1345 16.19 29.16 -10.52
CA GLY A 1345 16.96 28.39 -11.48
C GLY A 1345 18.31 29.00 -11.80
N SER A 1346 18.81 29.90 -10.96
CA SER A 1346 20.10 30.54 -11.17
C SER A 1346 21.22 29.82 -10.43
N GLY A 1347 20.93 28.69 -9.79
CA GLY A 1347 21.93 27.91 -9.10
C GLY A 1347 22.04 28.19 -7.62
N LYS A 1348 21.13 28.97 -7.03
CA LYS A 1348 21.22 29.26 -5.60
C LYS A 1348 21.15 27.98 -4.78
N SER A 1349 20.11 27.19 -5.00
CA SER A 1349 19.95 25.96 -4.21
C SER A 1349 21.10 25.00 -4.46
N SER A 1350 21.52 24.86 -5.71
CA SER A 1350 22.63 23.97 -6.03
C SER A 1350 23.91 24.44 -5.36
N LEU A 1351 24.18 25.74 -5.40
CA LEU A 1351 25.37 26.25 -4.73
C LEU A 1351 25.31 25.97 -3.24
N SER A 1352 24.14 26.18 -2.62
CA SER A 1352 24.01 25.90 -1.20
C SER A 1352 24.31 24.43 -0.92
N LEU A 1353 23.73 23.53 -1.72
CA LEU A 1353 23.96 22.11 -1.52
C LEU A 1353 25.37 21.68 -1.87
N ALA A 1354 26.14 22.53 -2.56
CA ALA A 1354 27.47 22.13 -2.98
C ALA A 1354 28.34 21.77 -1.78
N PHE A 1355 28.23 22.51 -0.69
CA PHE A 1355 29.07 22.25 0.47
C PHE A 1355 28.91 20.83 0.98
N PHE A 1356 27.74 20.22 0.77
CA PHE A 1356 27.47 18.88 1.24
C PHE A 1356 27.72 17.82 0.16
N ARG A 1357 28.21 18.21 -1.00
CA ARG A 1357 28.47 17.28 -2.08
C ARG A 1357 27.21 16.48 -2.44
N MET A 1358 26.05 17.11 -2.29
CA MET A 1358 24.81 16.51 -2.80
C MET A 1358 24.75 16.53 -4.31
N VAL A 1359 25.65 17.24 -4.97
CA VAL A 1359 25.70 17.33 -6.42
C VAL A 1359 27.13 17.21 -6.87
N ASP A 1360 27.38 16.40 -7.90
CA ASP A 1360 28.74 16.12 -8.32
C ASP A 1360 29.44 17.39 -8.79
N ILE A 1361 30.74 17.45 -8.56
CA ILE A 1361 31.57 18.59 -8.93
C ILE A 1361 32.57 18.12 -9.98
N PHE A 1362 32.55 18.77 -11.14
CA PHE A 1362 33.48 18.42 -12.21
C PHE A 1362 34.83 19.11 -12.00
N ASP A 1363 34.82 20.44 -11.90
CA ASP A 1363 36.04 21.22 -11.79
C ASP A 1363 35.94 22.12 -10.56
N GLY A 1364 37.10 22.46 -10.01
CA GLY A 1364 37.17 23.30 -8.84
C GLY A 1364 37.06 22.52 -7.55
N LYS A 1365 37.22 23.23 -6.44
CA LYS A 1365 37.16 22.63 -5.11
C LYS A 1365 36.67 23.67 -4.13
N ILE A 1366 36.19 23.18 -2.98
CA ILE A 1366 35.73 24.03 -1.88
C ILE A 1366 36.67 23.77 -0.70
N VAL A 1367 37.32 24.83 -0.23
CA VAL A 1367 38.26 24.75 0.88
C VAL A 1367 37.61 25.38 2.10
N ILE A 1368 37.43 24.59 3.14
CA ILE A 1368 36.86 25.04 4.41
C ILE A 1368 37.81 24.65 5.53
N ASP A 1369 38.19 25.63 6.34
CA ASP A 1369 39.12 25.41 7.45
C ASP A 1369 40.44 24.82 6.98
N GLY A 1370 40.81 25.05 5.72
CA GLY A 1370 42.04 24.55 5.18
C GLY A 1370 41.98 23.13 4.65
N ILE A 1371 40.80 22.52 4.61
CA ILE A 1371 40.61 21.16 4.13
C ILE A 1371 39.66 21.20 2.94
N ASP A 1372 40.04 20.51 1.86
CA ASP A 1372 39.15 20.36 0.73
C ASP A 1372 38.09 19.30 1.04
N ILE A 1373 36.82 19.68 0.96
CA ILE A 1373 35.74 18.78 1.35
C ILE A 1373 35.76 17.53 0.50
N SER A 1374 36.25 17.63 -0.74
CA SER A 1374 36.17 16.50 -1.66
C SER A 1374 36.79 15.25 -1.06
N LYS A 1375 37.89 15.39 -0.33
CA LYS A 1375 38.59 14.25 0.23
C LYS A 1375 38.10 13.83 1.60
N LEU A 1376 37.23 14.62 2.23
CA LEU A 1376 36.74 14.26 3.55
C LEU A 1376 35.69 13.16 3.45
N PRO A 1377 35.57 12.32 4.48
CA PRO A 1377 34.45 11.36 4.51
C PRO A 1377 33.13 12.11 4.46
N LEU A 1378 32.18 11.53 3.72
CA LEU A 1378 30.91 12.22 3.50
C LEU A 1378 30.18 12.48 4.82
N HIS A 1379 30.13 11.47 5.69
CA HIS A 1379 29.43 11.66 6.95
C HIS A 1379 30.09 12.75 7.80
N THR A 1380 31.42 12.74 7.87
CA THR A 1380 32.11 13.76 8.66
C THR A 1380 31.81 15.15 8.11
N LEU A 1381 31.87 15.31 6.80
CA LEU A 1381 31.58 16.61 6.19
C LEU A 1381 30.16 17.05 6.51
N ARG A 1382 29.19 16.15 6.31
CA ARG A 1382 27.79 16.53 6.42
C ARG A 1382 27.29 16.52 7.86
N SER A 1383 28.12 16.14 8.82
CA SER A 1383 27.72 16.18 10.21
C SER A 1383 27.94 17.55 10.83
N ARG A 1384 29.05 18.19 10.51
CA ARG A 1384 29.45 19.43 11.15
C ARG A 1384 28.90 20.68 10.47
N LEU A 1385 28.07 20.52 9.45
CA LEU A 1385 27.43 21.65 8.79
C LEU A 1385 25.94 21.66 9.11
N SER A 1386 25.38 22.87 9.19
CA SER A 1386 23.96 23.07 9.46
C SER A 1386 23.33 23.78 8.28
N ILE A 1387 22.23 23.22 7.78
CA ILE A 1387 21.52 23.77 6.63
C ILE A 1387 20.04 23.78 6.92
N ILE A 1388 19.36 24.84 6.47
CA ILE A 1388 17.91 24.98 6.62
C ILE A 1388 17.33 25.02 5.22
N LEU A 1389 16.44 24.08 4.92
CA LEU A 1389 15.87 24.00 3.59
C LEU A 1389 14.77 25.05 3.42
N GLN A 1390 14.33 25.22 2.17
CA GLN A 1390 13.26 26.16 1.87
C GLN A 1390 11.97 25.77 2.58
N ASP A 1391 11.43 24.61 2.24
CA ASP A 1391 10.23 24.13 2.91
C ASP A 1391 10.63 23.26 4.10
N PRO A 1392 10.29 23.65 5.33
CA PRO A 1392 10.70 22.85 6.48
C PRO A 1392 9.88 21.57 6.61
N ILE A 1393 10.55 20.49 6.99
CA ILE A 1393 9.91 19.21 7.26
C ILE A 1393 10.38 18.73 8.63
N LEU A 1394 9.44 18.32 9.46
CA LEU A 1394 9.70 17.90 10.84
C LEU A 1394 9.24 16.46 10.98
N PHE A 1395 10.10 15.62 11.57
CA PHE A 1395 9.86 14.18 11.60
C PHE A 1395 9.04 13.79 12.82
N SER A 1396 8.22 12.77 12.64
CA SER A 1396 7.38 12.28 13.73
C SER A 1396 8.25 11.75 14.87
N GLY A 1397 7.77 11.94 16.09
CA GLY A 1397 8.46 11.55 17.29
C GLY A 1397 8.47 12.68 18.29
N SER A 1398 9.25 12.49 19.35
CA SER A 1398 9.31 13.49 20.41
C SER A 1398 10.03 14.74 19.93
N ILE A 1399 9.72 15.86 20.60
CA ILE A 1399 10.42 17.10 20.30
C ILE A 1399 11.91 16.95 20.57
N ARG A 1400 12.27 16.25 21.64
CA ARG A 1400 13.67 15.96 21.89
C ARG A 1400 14.29 15.20 20.71
N PHE A 1401 13.55 14.23 20.18
CA PHE A 1401 14.08 13.44 19.07
C PHE A 1401 14.36 14.31 17.86
N ASN A 1402 13.44 15.22 17.53
CA ASN A 1402 13.67 16.11 16.40
C ASN A 1402 14.83 17.06 16.69
N LEU A 1403 14.92 17.57 17.91
CA LEU A 1403 15.98 18.51 18.23
C LEU A 1403 17.36 17.85 18.14
N ASP A 1404 17.48 16.61 18.60
CA ASP A 1404 18.76 15.91 18.56
C ASP A 1404 18.56 14.41 18.64
N PRO A 1405 18.34 13.73 17.51
CA PRO A 1405 18.14 12.28 17.54
C PRO A 1405 19.27 11.54 18.24
N GLU A 1406 20.52 12.00 18.07
CA GLU A 1406 21.63 11.40 18.77
C GLU A 1406 21.53 11.58 20.29
N CYS A 1407 20.68 12.49 20.75
CA CYS A 1407 20.43 12.67 22.18
C CYS A 1407 21.72 12.98 22.93
N LYS A 1408 22.48 13.93 22.38
CA LYS A 1408 23.76 14.33 22.95
C LYS A 1408 23.78 15.83 23.19
N CYS A 1409 22.73 16.34 23.82
CA CYS A 1409 22.65 17.76 24.14
C CYS A 1409 21.89 17.92 25.45
N THR A 1410 22.47 18.68 26.37
CA THR A 1410 21.80 18.95 27.64
C THR A 1410 20.54 19.77 27.40
N ASP A 1411 19.53 19.51 28.24
CA ASP A 1411 18.24 20.18 28.06
C ASP A 1411 18.38 21.69 28.04
N ASP A 1412 19.36 22.23 28.78
CA ASP A 1412 19.56 23.67 28.79
C ASP A 1412 19.84 24.20 27.38
N ARG A 1413 20.66 23.48 26.61
CA ARG A 1413 20.92 23.90 25.25
C ARG A 1413 19.65 23.85 24.41
N LEU A 1414 18.83 22.82 24.59
CA LEU A 1414 17.57 22.74 23.85
C LEU A 1414 16.69 23.94 24.16
N TRP A 1415 16.55 24.28 25.43
CA TRP A 1415 15.70 25.41 25.81
C TRP A 1415 16.27 26.72 25.31
N GLU A 1416 17.59 26.88 25.36
CA GLU A 1416 18.21 28.09 24.82
C GLU A 1416 17.94 28.21 23.33
N ALA A 1417 18.04 27.11 22.59
CA ALA A 1417 17.75 27.14 21.17
C ALA A 1417 16.29 27.50 20.92
N LEU A 1418 15.38 26.89 21.69
CA LEU A 1418 13.96 27.20 21.52
C LEU A 1418 13.70 28.68 21.77
N GLU A 1419 14.36 29.25 22.77
CA GLU A 1419 14.26 30.69 22.99
C GLU A 1419 14.80 31.45 21.77
N ILE A 1420 15.93 31.00 21.22
CA ILE A 1420 16.47 31.60 20.01
C ILE A 1420 15.47 31.46 18.86
N ALA A 1421 14.87 30.27 18.74
CA ALA A 1421 13.83 30.07 17.73
C ALA A 1421 12.54 30.80 18.06
N GLN A 1422 12.43 31.37 19.26
CA GLN A 1422 11.21 32.03 19.71
C GLN A 1422 10.07 31.04 19.89
N LEU A 1423 10.38 29.75 19.95
CA LEU A 1423 9.39 28.70 20.16
C LEU A 1423 9.36 28.24 21.61
N LYS A 1424 10.09 28.91 22.50
CA LYS A 1424 10.12 28.48 23.89
C LYS A 1424 8.74 28.58 24.53
N ASN A 1425 8.00 29.65 24.25
CA ASN A 1425 6.67 29.80 24.81
C ASN A 1425 5.74 28.70 24.31
N MET A 1426 5.74 28.45 23.01
CA MET A 1426 4.90 27.40 22.45
C MET A 1426 5.29 26.04 23.04
N VAL A 1427 6.59 25.79 23.17
CA VAL A 1427 7.05 24.53 23.76
C VAL A 1427 6.55 24.40 25.19
N LYS A 1428 6.64 25.47 25.97
CA LYS A 1428 6.12 25.42 27.33
C LYS A 1428 4.64 25.12 27.34
N SER A 1429 3.89 25.72 26.40
CA SER A 1429 2.48 25.42 26.27
C SER A 1429 2.23 24.01 25.74
N LEU A 1430 3.26 23.31 25.27
CA LEU A 1430 3.07 21.97 24.77
C LEU A 1430 2.70 21.03 25.92
N PRO A 1431 1.99 19.93 25.62
CA PRO A 1431 1.54 19.05 26.69
C PRO A 1431 2.67 18.51 27.55
N GLY A 1432 3.62 17.81 26.92
CA GLY A 1432 4.77 17.29 27.65
C GLY A 1432 5.87 18.31 27.86
N GLY A 1433 5.84 19.41 27.11
CA GLY A 1433 6.86 20.44 27.23
C GLY A 1433 8.13 20.10 26.45
N LEU A 1434 8.95 19.22 27.02
CA LEU A 1434 10.19 18.81 26.38
C LEU A 1434 10.03 17.56 25.53
N ASP A 1435 8.91 16.84 25.67
CA ASP A 1435 8.67 15.63 24.91
C ASP A 1435 7.27 15.64 24.30
N ALA A 1436 6.78 16.81 23.92
CA ALA A 1436 5.48 16.90 23.29
C ALA A 1436 5.46 16.11 21.99
N THR A 1437 4.36 15.40 21.75
CA THR A 1437 4.24 14.62 20.53
C THR A 1437 4.28 15.53 19.31
N VAL A 1438 4.91 15.04 18.25
CA VAL A 1438 5.02 15.76 16.99
C VAL A 1438 4.43 14.87 15.90
N THR A 1439 3.39 15.38 15.24
CA THR A 1439 2.75 14.63 14.17
C THR A 1439 3.69 14.51 12.97
N GLU A 1440 3.37 13.57 12.08
CA GLU A 1440 4.21 13.32 10.93
C GLU A 1440 4.35 14.58 10.07
N GLY A 1441 5.59 14.88 9.68
CA GLY A 1441 5.86 16.02 8.83
C GLY A 1441 5.72 17.37 9.48
N GLY A 1442 5.52 17.42 10.80
CA GLY A 1442 5.31 18.69 11.46
C GLY A 1442 3.95 19.30 11.20
N GLU A 1443 2.97 18.49 10.78
CA GLU A 1443 1.64 19.01 10.52
C GLU A 1443 0.99 19.57 11.77
N ASN A 1444 1.44 19.16 12.96
CA ASN A 1444 0.83 19.62 14.20
C ASN A 1444 0.96 21.14 14.34
N PHE A 1445 2.14 21.67 14.06
CA PHE A 1445 2.38 23.11 14.22
C PHE A 1445 2.13 23.84 12.90
N SER A 1446 2.34 25.14 12.93
CA SER A 1446 2.19 25.98 11.75
C SER A 1446 3.51 26.08 10.99
N VAL A 1447 3.42 26.62 9.78
CA VAL A 1447 4.62 26.77 8.95
C VAL A 1447 5.68 27.59 9.68
N GLY A 1448 5.26 28.70 10.30
CA GLY A 1448 6.22 29.51 11.04
C GLY A 1448 6.82 28.76 12.21
N GLN A 1449 5.98 28.03 12.96
CA GLN A 1449 6.50 27.24 14.07
C GLN A 1449 7.47 26.18 13.58
N ARG A 1450 7.13 25.52 12.46
CA ARG A 1450 8.03 24.51 11.91
C ARG A 1450 9.36 25.12 11.48
N GLN A 1451 9.32 26.30 10.86
CA GLN A 1451 10.56 26.95 10.46
C GLN A 1451 11.41 27.32 11.66
N LEU A 1452 10.78 27.85 12.71
CA LEU A 1452 11.52 28.17 13.93
C LEU A 1452 12.14 26.90 14.54
N PHE A 1453 11.37 25.81 14.52
CA PHE A 1453 11.91 24.56 15.05
C PHE A 1453 13.08 24.07 14.22
N CYS A 1454 13.01 24.24 12.90
CA CYS A 1454 14.14 23.87 12.05
C CYS A 1454 15.36 24.73 12.39
N LEU A 1455 15.15 26.02 12.63
CA LEU A 1455 16.26 26.87 13.04
C LEU A 1455 16.88 26.37 14.34
N ALA A 1456 16.04 25.97 15.29
CA ALA A 1456 16.55 25.39 16.53
C ALA A 1456 17.35 24.13 16.24
N ARG A 1457 16.80 23.26 15.38
CA ARG A 1457 17.50 22.04 14.99
C ARG A 1457 18.89 22.37 14.47
N ALA A 1458 18.99 23.42 13.66
CA ALA A 1458 20.30 23.84 13.17
C ALA A 1458 21.19 24.31 14.31
N PHE A 1459 20.63 25.05 15.26
CA PHE A 1459 21.45 25.63 16.32
C PHE A 1459 22.14 24.55 17.14
N VAL A 1460 21.42 23.48 17.49
CA VAL A 1460 21.95 22.50 18.42
C VAL A 1460 23.24 21.90 17.90
N ARG A 1461 23.44 21.89 16.58
CA ARG A 1461 24.63 21.28 16.02
C ARG A 1461 25.90 21.98 16.48
N LYS A 1462 25.80 23.22 16.95
CA LYS A 1462 26.95 23.95 17.48
C LYS A 1462 28.06 24.06 16.45
N SER A 1463 27.67 24.19 15.19
CA SER A 1463 28.63 24.36 14.10
C SER A 1463 28.85 25.85 13.83
N SER A 1464 29.97 26.15 13.17
CA SER A 1464 30.34 27.53 12.89
C SER A 1464 29.84 28.01 11.54
N ILE A 1465 29.31 27.13 10.70
CA ILE A 1465 28.86 27.48 9.36
C ILE A 1465 27.40 27.10 9.24
N LEU A 1466 26.58 28.05 8.77
CA LEU A 1466 25.16 27.84 8.59
C LEU A 1466 24.77 28.22 7.17
N ILE A 1467 23.93 27.40 6.55
CA ILE A 1467 23.49 27.61 5.17
C ILE A 1467 21.98 27.66 5.18
N MET A 1468 21.40 28.84 4.97
CA MET A 1468 19.96 29.02 4.95
C MET A 1468 19.51 29.21 3.51
N ASP A 1469 18.85 28.19 2.96
CA ASP A 1469 18.42 28.19 1.57
C ASP A 1469 16.95 28.60 1.50
N GLU A 1470 16.72 29.91 1.46
CA GLU A 1470 15.37 30.45 1.33
C GLU A 1470 14.50 29.97 2.50
N ALA A 1471 15.04 30.12 3.70
CA ALA A 1471 14.38 29.56 4.88
C ALA A 1471 13.02 30.20 5.12
N THR A 1472 12.92 31.52 4.94
CA THR A 1472 11.75 32.28 5.36
C THR A 1472 10.76 32.50 4.23
N ALA A 1473 10.61 31.53 3.33
CA ALA A 1473 9.71 31.70 2.20
C ALA A 1473 8.27 31.92 2.66
N SER A 1474 7.82 31.12 3.61
CA SER A 1474 6.44 31.18 4.08
C SER A 1474 6.28 32.05 5.33
N ILE A 1475 7.35 32.68 5.79
CA ILE A 1475 7.31 33.49 7.00
C ILE A 1475 6.78 34.87 6.67
N ASP A 1476 6.05 35.47 7.61
CA ASP A 1476 5.53 36.81 7.42
C ASP A 1476 6.64 37.85 7.67
N MET A 1477 6.33 39.09 7.32
CA MET A 1477 7.35 40.15 7.36
C MET A 1477 7.87 40.35 8.78
N ALA A 1478 6.98 40.54 9.75
CA ALA A 1478 7.42 40.76 11.12
C ALA A 1478 8.15 39.54 11.66
N THR A 1479 7.59 38.35 11.41
CA THR A 1479 8.23 37.13 11.86
C THR A 1479 9.59 36.95 11.18
N GLU A 1480 9.65 37.25 9.88
CA GLU A 1480 10.92 37.14 9.16
C GLU A 1480 11.96 38.06 9.76
N ASN A 1481 11.58 39.31 10.04
CA ASN A 1481 12.53 40.28 10.57
C ASN A 1481 13.01 39.87 11.96
N ILE A 1482 12.09 39.46 12.83
CA ILE A 1482 12.50 39.08 14.17
C ILE A 1482 13.39 37.84 14.12
N LEU A 1483 13.05 36.89 13.25
CA LEU A 1483 13.88 35.69 13.10
C LEU A 1483 15.28 36.07 12.62
N GLN A 1484 15.36 36.96 11.63
CA GLN A 1484 16.67 37.35 11.11
C GLN A 1484 17.50 38.03 12.19
N LYS A 1485 16.91 38.94 12.94
CA LYS A 1485 17.69 39.65 13.95
C LYS A 1485 18.13 38.72 15.07
N VAL A 1486 17.24 37.82 15.51
CA VAL A 1486 17.65 36.90 16.57
C VAL A 1486 18.72 35.95 16.05
N VAL A 1487 18.65 35.54 14.78
CA VAL A 1487 19.69 34.70 14.22
C VAL A 1487 21.02 35.43 14.22
N MET A 1488 21.02 36.69 13.76
CA MET A 1488 22.27 37.43 13.71
C MET A 1488 22.85 37.61 15.11
N THR A 1489 22.01 37.96 16.09
CA THR A 1489 22.49 38.13 17.45
C THR A 1489 23.04 36.82 18.00
N ALA A 1490 22.34 35.71 17.77
CA ALA A 1490 22.76 34.44 18.31
C ALA A 1490 23.99 33.92 17.60
N PHE A 1491 24.01 33.99 16.27
CA PHE A 1491 25.13 33.51 15.46
C PHE A 1491 26.05 34.64 15.03
N ALA A 1492 26.24 35.63 15.90
CA ALA A 1492 27.11 36.75 15.54
C ALA A 1492 28.51 36.27 15.20
N ASP A 1493 29.05 35.32 15.99
CA ASP A 1493 30.39 34.80 15.71
C ASP A 1493 30.37 33.86 14.52
N ARG A 1494 29.37 33.00 14.43
CA ARG A 1494 29.36 31.97 13.39
C ARG A 1494 29.14 32.57 12.02
N THR A 1495 29.80 31.98 11.02
CA THR A 1495 29.59 32.36 9.63
C THR A 1495 28.26 31.78 9.14
N VAL A 1496 27.55 32.57 8.35
CA VAL A 1496 26.25 32.16 7.82
C VAL A 1496 26.12 32.60 6.37
N VAL A 1497 25.63 31.69 5.53
CA VAL A 1497 25.32 31.98 4.14
C VAL A 1497 23.83 31.78 3.95
N THR A 1498 23.15 32.82 3.49
CA THR A 1498 21.69 32.82 3.40
C THR A 1498 21.26 33.04 1.97
N ILE A 1499 20.37 32.19 1.48
CA ILE A 1499 19.74 32.38 0.17
C ILE A 1499 18.48 33.21 0.42
N ALA A 1500 18.49 34.44 -0.07
CA ALA A 1500 17.44 35.40 0.28
C ALA A 1500 16.16 35.10 -0.49
N HIS A 1501 15.08 34.81 0.24
CA HIS A 1501 13.76 34.78 -0.38
C HIS A 1501 13.39 36.16 -0.91
N ARG A 1502 13.68 37.20 -0.13
CA ARG A 1502 13.51 38.58 -0.56
C ARG A 1502 14.82 39.32 -0.26
N VAL A 1503 15.28 40.11 -1.24
CA VAL A 1503 16.56 40.79 -1.08
C VAL A 1503 16.53 41.71 0.13
N HIS A 1504 15.36 42.24 0.48
CA HIS A 1504 15.26 43.17 1.59
C HIS A 1504 15.75 42.54 2.90
N THR A 1505 15.71 41.20 2.99
CA THR A 1505 16.13 40.55 4.22
C THR A 1505 17.65 40.54 4.36
N ILE A 1506 18.38 40.55 3.25
CA ILE A 1506 19.83 40.41 3.28
C ILE A 1506 20.53 41.74 3.05
N LEU A 1507 19.84 42.86 3.26
CA LEU A 1507 20.48 44.15 3.05
C LEU A 1507 21.66 44.33 3.99
N THR A 1508 21.51 43.91 5.25
CA THR A 1508 22.58 44.02 6.24
C THR A 1508 23.43 42.75 6.22
N ALA A 1509 24.25 42.65 5.17
CA ALA A 1509 25.11 41.50 4.97
C ALA A 1509 26.54 41.96 4.71
N ASP A 1510 27.50 41.16 5.20
CA ASP A 1510 28.90 41.51 5.00
C ASP A 1510 29.28 41.50 3.53
N LEU A 1511 28.84 40.46 2.80
CA LEU A 1511 29.09 40.36 1.37
C LEU A 1511 27.85 39.78 0.70
N VAL A 1512 27.51 40.33 -0.45
CA VAL A 1512 26.31 39.94 -1.19
C VAL A 1512 26.73 39.26 -2.48
N ILE A 1513 26.09 38.14 -2.80
CA ILE A 1513 26.33 37.41 -4.04
C ILE A 1513 24.99 37.21 -4.73
N VAL A 1514 24.95 37.48 -6.03
CA VAL A 1514 23.76 37.29 -6.84
C VAL A 1514 24.09 36.30 -7.94
N MET A 1515 23.26 35.27 -8.07
CA MET A 1515 23.46 34.21 -9.05
C MET A 1515 22.49 34.40 -10.21
N LYS A 1516 23.01 34.35 -11.43
CA LYS A 1516 22.19 34.44 -12.64
C LYS A 1516 22.73 33.44 -13.65
N ARG A 1517 21.93 32.43 -13.96
CA ARG A 1517 22.33 31.40 -14.91
C ARG A 1517 23.66 30.78 -14.51
N GLY A 1518 23.81 30.48 -13.22
CA GLY A 1518 25.02 29.86 -12.74
C GLY A 1518 26.25 30.74 -12.80
N ASN A 1519 26.12 32.01 -12.44
CA ASN A 1519 27.26 32.92 -12.41
C ASN A 1519 27.03 33.96 -11.33
N ILE A 1520 28.08 34.24 -10.56
CA ILE A 1520 28.03 35.25 -9.50
C ILE A 1520 28.39 36.58 -10.16
N LEU A 1521 27.38 37.23 -10.75
CA LEU A 1521 27.62 38.48 -11.45
C LEU A 1521 28.14 39.55 -10.49
N GLU A 1522 27.53 39.67 -9.32
CA GLU A 1522 27.86 40.71 -8.36
C GLU A 1522 28.42 40.07 -7.10
N TYR A 1523 29.60 40.52 -6.68
CA TYR A 1523 30.29 40.00 -5.49
C TYR A 1523 30.95 41.19 -4.82
N ASP A 1524 30.26 41.78 -3.86
CA ASP A 1524 30.77 42.96 -3.15
C ASP A 1524 29.83 43.25 -1.99
N THR A 1525 30.15 44.29 -1.24
CA THR A 1525 29.33 44.68 -0.11
C THR A 1525 27.95 45.17 -0.58
N PRO A 1526 26.93 45.02 0.26
CA PRO A 1526 25.59 45.47 -0.17
C PRO A 1526 25.55 46.94 -0.56
N GLU A 1527 26.26 47.80 0.17
CA GLU A 1527 26.31 49.20 -0.19
C GLU A 1527 27.00 49.38 -1.54
N SER A 1528 28.11 48.67 -1.74
CA SER A 1528 28.81 48.76 -3.02
C SER A 1528 27.92 48.30 -4.16
N LEU A 1529 27.20 47.19 -3.97
CA LEU A 1529 26.32 46.69 -5.03
C LEU A 1529 25.20 47.68 -5.31
N LEU A 1530 24.59 48.25 -4.26
CA LEU A 1530 23.55 49.24 -4.47
C LEU A 1530 24.08 50.51 -5.11
N ALA A 1531 25.39 50.78 -4.97
CA ALA A 1531 25.96 51.96 -5.60
C ALA A 1531 25.85 51.90 -7.11
N GLN A 1532 26.08 50.73 -7.69
CA GLN A 1532 26.04 50.60 -9.15
C GLN A 1532 24.66 51.00 -9.67
N GLU A 1533 24.67 51.83 -10.72
CA GLU A 1533 23.42 52.26 -11.33
C GLU A 1533 22.77 51.10 -12.07
N ASP A 1534 21.44 51.01 -11.93
CA ASP A 1534 20.66 49.96 -12.59
C ASP A 1534 21.15 48.56 -12.18
N GLY A 1535 21.65 48.44 -10.96
CA GLY A 1535 22.12 47.16 -10.49
C GLY A 1535 20.99 46.14 -10.41
N VAL A 1536 21.33 44.89 -10.69
CA VAL A 1536 20.34 43.82 -10.65
C VAL A 1536 19.75 43.72 -9.25
N PHE A 1537 20.61 43.71 -8.23
CA PHE A 1537 20.11 43.68 -6.86
C PHE A 1537 19.31 44.93 -6.54
N ALA A 1538 19.79 46.09 -6.96
CA ALA A 1538 19.05 47.32 -6.73
C ALA A 1538 17.67 47.25 -7.36
N SER A 1539 17.58 46.69 -8.57
CA SER A 1539 16.28 46.50 -9.19
C SER A 1539 15.41 45.55 -8.36
N PHE A 1540 16.01 44.47 -7.85
CA PHE A 1540 15.26 43.54 -7.02
C PHE A 1540 14.70 44.25 -5.79
N VAL A 1541 15.51 45.09 -5.15
CA VAL A 1541 15.04 45.80 -3.96
C VAL A 1541 13.85 46.69 -4.31
N ARG A 1542 13.93 47.38 -5.45
CA ARG A 1542 12.80 48.18 -5.89
C ARG A 1542 11.58 47.30 -6.12
N ALA A 1543 11.77 46.14 -6.74
CA ALA A 1543 10.65 45.24 -6.98
C ALA A 1543 10.02 44.78 -5.66
N ASP A 1544 10.85 44.46 -4.68
CA ASP A 1544 10.32 44.08 -3.37
C ASP A 1544 9.58 45.25 -2.73
N MET A 1545 10.14 46.45 -2.82
CA MET A 1545 9.52 47.64 -2.25
C MET A 1545 8.33 48.08 -3.09
PB ADP B . 17.96 27.82 -7.90
O1B ADP B . 16.96 28.46 -6.97
O2B ADP B . 17.96 28.37 -9.29
O3B ADP B . 19.32 27.62 -7.30
PA ADP B . 18.45 25.09 -8.17
O1A ADP B . 19.80 25.57 -7.71
O2A ADP B . 17.81 23.91 -7.48
O3A ADP B . 17.41 26.32 -8.07
O5' ADP B . 18.52 24.74 -9.73
C5' ADP B . 19.43 25.39 -10.61
C4' ADP B . 19.49 24.58 -11.90
O4' ADP B . 19.86 23.24 -11.60
C3' ADP B . 18.15 24.54 -12.60
O3' ADP B . 18.23 25.19 -13.88
C2' ADP B . 17.80 23.07 -12.77
O2' ADP B . 17.53 22.76 -14.13
C1' ADP B . 19.02 22.30 -12.27
N9 ADP B . 18.62 21.23 -11.34
C8 ADP B . 18.13 21.41 -10.10
N7 ADP B . 17.86 20.22 -9.51
C5 ADP B . 18.19 19.25 -10.39
C6 ADP B . 18.16 17.77 -10.40
N6 ADP B . 17.72 17.08 -9.33
N1 ADP B . 18.60 17.15 -11.51
C2 ADP B . 19.05 17.83 -12.59
N3 ADP B . 19.10 19.17 -12.63
C4 ADP B . 18.69 19.92 -11.58
MG MG C . 16.47 27.10 -5.28
MG MG D . -6.73 28.81 4.82
PG ATP E . -5.74 29.01 7.02
O1G ATP E . -5.29 27.62 6.65
O2G ATP E . -5.50 29.37 8.46
O3G ATP E . -5.43 30.10 6.03
PB ATP E . -8.15 30.02 7.72
O1B ATP E . -8.77 30.93 6.70
O2B ATP E . -7.26 30.58 8.79
O3B ATP E . -7.33 28.90 6.94
PA ATP E . -10.59 29.92 8.86
O1A ATP E . -11.47 30.06 7.65
O2A ATP E . -10.10 31.16 9.58
O3A ATP E . -9.29 29.13 8.40
O5' ATP E . -11.25 28.90 9.92
C5' ATP E . -12.39 29.27 10.71
C4' ATP E . -12.36 28.63 12.10
O4' ATP E . -13.06 27.39 12.15
C3' ATP E . -10.94 28.35 12.55
O3' ATP E . -10.84 28.80 13.90
C2' ATP E . -10.79 26.84 12.44
O2' ATP E . -9.98 26.29 13.48
C1' ATP E . -12.21 26.30 12.49
N9 ATP E . -12.37 25.32 11.40
C8 ATP E . -12.44 25.69 10.12
N7 ATP E . -12.60 24.63 9.29
C5 ATP E . -12.64 23.55 10.07
C6 ATP E . -12.79 22.11 9.83
N6 ATP E . -12.93 21.65 8.57
N1 ATP E . -12.78 21.28 10.89
C2 ATP E . -12.64 21.75 12.14
N3 ATP E . -12.50 23.04 12.43
C4 ATP E . -12.49 23.98 11.46
C9 BJX F . -12.60 -26.46 0.11
C10 BJX F . -10.17 -22.15 2.94
C11 BJX F . -12.57 -23.44 3.19
C12 BJX F . -11.75 -27.48 -0.63
C13 BJX F . -12.95 -27.01 1.48
C14 BJX F . -10.78 -22.21 4.18
C15 BJX F . -11.99 -22.86 4.30
C16 BJX F . -14.31 -22.87 -0.73
C17 BJX F . -14.59 -21.85 -1.83
C18 BJX F . -13.33 -21.78 -2.68
C19 BJX F . -12.64 -20.59 -2.85
C20 BJX F . -12.87 -22.94 -3.26
C8 BJX F . -11.79 -25.16 0.25
C7 BJX F . -11.96 -23.37 1.96
C6 BJX F . -10.74 -22.72 1.82
C5 BJX F . -12.67 -24.04 0.78
C4 BJX F . -8.07 -22.26 -1.40
C3 BJX F . -7.68 -23.06 -0.16
C2 BJX F . -8.98 -21.12 -1.03
C1 BJX F . -8.96 -23.61 0.50
O1 BJX F . -10.80 -19.36 -3.76
O2 BJX F . -9.87 -21.92 -6.28
N BJX F . -10.04 -22.63 0.55
C BJX F . -9.51 -21.27 0.36
O BJX F . -15.21 -23.50 -0.28
C21 BJX F . -11.49 -20.57 -3.62
C22 BJX F . -11.72 -22.92 -4.03
C23 BJX F . -11.03 -21.74 -4.19
C24 BJX F . -9.78 -21.76 -5.05
C25 BJX F . -10.76 -18.78 -5.03
C26 BJX F . -10.42 -17.30 -4.87
N1 BJX F . -12.95 -23.07 -0.26
O3 BJX F . -8.66 -21.62 -4.49
#